data_8JV7
#
_entry.id   8JV7
#
_cell.length_a   1.00
_cell.length_b   1.00
_cell.length_c   1.00
_cell.angle_alpha   90.00
_cell.angle_beta   90.00
_cell.angle_gamma   90.00
#
_symmetry.space_group_name_H-M   'P 1'
#
loop_
_entity.id
_entity.type
_entity.pdbx_description
1 polymer 'P2X purinoceptor'
2 non-polymer 2-acetamido-2-deoxy-beta-D-glucopyranose
3 non-polymer '4-[(E)-[4-methanoyl-6-methyl-5-oxidanyl-3-(phosphonooxymethyl)pyridin-2-yl]diazenyl]benzene-1,3-disulfonic acid'
4 water water
#
_entity_poly.entity_id   1
_entity_poly.type   'polypeptide(L)'
_entity_poly.pdbx_seq_one_letter_code
;GSSTNYGTIKWIFHALVFSYISFALISDKRYQKKEPLISSVHTKVKGIAEVKAEILENGMKKMVSGVFDTADYTFPLQGN
SFFVMTNFIKTEGQQQGLCPDFPTARTICSSDRGCKKGRMDPQSKGIQTGRCVVYKERLKTCEVSAWCPIEEVKDAPRPA
LLNSAENFTVLIKNNIDFPGHNYTTRNILPGVNITCTFHKTQNPQCPIFRLGDIFQETGDSFSDVAIQGGIMGIEIYWDC
NLDGWFHHCRPKYSFRRLDDKTTSESLYPGYNFRYAKYYKENNVEKRTLIKVFGIRFDILVFGTGGKFNVIQLAVYIGSV
ISYFGLATVFIDILINTYSASS
;
_entity_poly.pdbx_strand_id   A,B,C
#
# COMPACT_ATOMS: atom_id res chain seq x y z
N TRP A 11 -15.69 -14.81 -57.39
CA TRP A 11 -14.83 -15.75 -56.68
C TRP A 11 -13.73 -15.00 -55.92
N ILE A 12 -13.63 -13.70 -56.16
CA ILE A 12 -12.63 -12.88 -55.48
C ILE A 12 -12.96 -12.78 -53.99
N PHE A 13 -14.26 -12.70 -53.66
CA PHE A 13 -14.65 -12.62 -52.26
C PHE A 13 -14.29 -13.89 -51.49
N HIS A 14 -14.27 -15.04 -52.18
CA HIS A 14 -13.90 -16.29 -51.51
C HIS A 14 -12.49 -16.22 -50.94
N ALA A 15 -11.55 -15.68 -51.72
CA ALA A 15 -10.19 -15.48 -51.21
C ALA A 15 -10.11 -14.27 -50.28
N LEU A 16 -10.94 -13.24 -50.51
CA LEU A 16 -10.88 -12.04 -49.69
C LEU A 16 -11.27 -12.34 -48.24
N VAL A 17 -12.33 -13.13 -48.03
CA VAL A 17 -12.74 -13.45 -46.67
C VAL A 17 -11.70 -14.32 -45.98
N PHE A 18 -11.07 -15.24 -46.73
CA PHE A 18 -10.02 -16.06 -46.13
C PHE A 18 -8.82 -15.20 -45.73
N SER A 19 -8.44 -14.25 -46.58
CA SER A 19 -7.34 -13.35 -46.26
C SER A 19 -7.67 -12.50 -45.04
N TYR A 20 -8.91 -12.00 -44.96
CA TYR A 20 -9.30 -11.20 -43.80
C TYR A 20 -9.30 -12.03 -42.53
N ILE A 21 -9.76 -13.28 -42.60
CA ILE A 21 -9.75 -14.15 -41.42
C ILE A 21 -8.32 -14.41 -40.97
N SER A 22 -7.42 -14.70 -41.93
CA SER A 22 -6.03 -14.93 -41.58
C SER A 22 -5.39 -13.68 -40.96
N PHE A 23 -5.71 -12.50 -41.52
CA PHE A 23 -5.19 -11.26 -40.97
C PHE A 23 -5.67 -11.04 -39.54
N ALA A 24 -6.97 -11.29 -39.30
CA ALA A 24 -7.51 -11.13 -37.96
C ALA A 24 -6.85 -12.10 -36.99
N LEU A 25 -6.67 -13.35 -37.40
CA LEU A 25 -6.04 -14.34 -36.53
C LEU A 25 -4.59 -13.95 -36.23
N ILE A 26 -3.86 -13.45 -37.22
CA ILE A 26 -2.46 -13.10 -37.01
C ILE A 26 -2.34 -11.87 -36.13
N SER A 27 -3.19 -10.87 -36.33
CA SER A 27 -3.06 -9.61 -35.61
C SER A 27 -3.66 -9.69 -34.21
N ASP A 28 -4.97 -9.97 -34.12
CA ASP A 28 -5.63 -9.98 -32.82
C ASP A 28 -5.22 -11.17 -31.96
N LYS A 29 -4.53 -12.17 -32.54
CA LYS A 29 -4.09 -13.36 -31.79
C LYS A 29 -5.27 -14.05 -31.11
N ARG A 30 -6.34 -14.24 -31.86
CA ARG A 30 -7.54 -14.88 -31.31
C ARG A 30 -7.29 -16.34 -30.94
N TYR A 31 -6.32 -16.99 -31.59
CA TYR A 31 -5.95 -18.36 -31.25
C TYR A 31 -5.09 -18.44 -29.99
N GLN A 32 -4.92 -17.34 -29.27
CA GLN A 32 -4.05 -17.27 -28.10
C GLN A 32 -4.90 -17.01 -26.87
N LYS A 33 -4.72 -17.85 -25.85
CA LYS A 33 -5.38 -17.64 -24.57
C LYS A 33 -4.58 -16.63 -23.75
N LYS A 34 -5.28 -15.62 -23.23
CA LYS A 34 -4.66 -14.53 -22.50
C LYS A 34 -4.89 -14.68 -21.01
N GLU A 35 -3.85 -14.39 -20.23
CA GLU A 35 -3.89 -14.47 -18.78
C GLU A 35 -3.46 -13.13 -18.17
N PRO A 36 -4.03 -12.75 -17.02
CA PRO A 36 -3.71 -11.44 -16.43
C PRO A 36 -2.39 -11.46 -15.69
N LEU A 37 -2.08 -10.35 -15.00
CA LEU A 37 -0.77 -10.14 -14.40
C LEU A 37 -0.85 -10.12 -12.88
N ILE A 38 0.09 -10.82 -12.25
CA ILE A 38 0.30 -10.75 -10.81
C ILE A 38 1.75 -10.31 -10.58
N SER A 39 1.92 -9.17 -9.93
CA SER A 39 3.21 -8.49 -9.92
C SER A 39 3.67 -8.17 -8.50
N SER A 40 4.95 -7.80 -8.41
CA SER A 40 5.55 -7.33 -7.18
C SER A 40 6.65 -6.33 -7.55
N VAL A 41 6.71 -5.21 -6.82
CA VAL A 41 7.61 -4.11 -7.13
C VAL A 41 8.55 -3.88 -5.95
N HIS A 42 9.84 -3.78 -6.23
CA HIS A 42 10.85 -3.41 -5.24
C HIS A 42 11.53 -2.14 -5.70
N THR A 43 11.60 -1.15 -4.82
CA THR A 43 12.10 0.17 -5.19
C THR A 43 13.18 0.62 -4.22
N LYS A 44 14.26 1.18 -4.76
CA LYS A 44 15.34 1.74 -3.96
C LYS A 44 15.65 3.14 -4.46
N VAL A 45 15.71 4.11 -3.54
CA VAL A 45 15.99 5.50 -3.87
C VAL A 45 17.36 5.87 -3.31
N LYS A 46 18.24 6.37 -4.17
CA LYS A 46 19.58 6.76 -3.78
C LYS A 46 19.73 8.27 -3.88
N GLY A 47 20.95 8.74 -3.63
CA GLY A 47 21.25 10.16 -3.72
C GLY A 47 21.06 10.88 -2.40
N ILE A 48 21.73 12.02 -2.28
CA ILE A 48 21.62 12.87 -1.10
C ILE A 48 21.29 14.28 -1.58
N ALA A 49 20.76 15.09 -0.66
CA ALA A 49 20.33 16.44 -0.97
C ALA A 49 20.98 17.42 -0.01
N GLU A 50 21.22 18.64 -0.49
CA GLU A 50 21.78 19.71 0.31
C GLU A 50 20.85 20.90 0.26
N VAL A 51 20.51 21.44 1.44
CA VAL A 51 19.59 22.57 1.56
C VAL A 51 20.35 23.73 2.16
N LYS A 52 20.25 24.91 1.54
CA LYS A 52 20.87 26.12 2.06
C LYS A 52 20.05 27.30 1.54
N ALA A 53 19.19 27.85 2.39
CA ALA A 53 18.30 28.92 1.98
C ALA A 53 17.91 29.75 3.19
N GLU A 54 17.05 30.75 2.96
CA GLU A 54 16.56 31.63 4.00
C GLU A 54 15.03 31.60 4.00
N ILE A 55 14.45 31.63 5.20
CA ILE A 55 13.00 31.59 5.37
C ILE A 55 12.58 32.71 6.31
N LEU A 56 11.28 33.01 6.28
CA LEU A 56 10.68 34.04 7.13
C LEU A 56 9.64 33.36 8.01
N GLU A 57 10.01 33.09 9.26
CA GLU A 57 9.13 32.43 10.21
C GLU A 57 8.68 33.45 11.25
N ASN A 58 7.37 33.63 11.38
CA ASN A 58 6.77 34.55 12.34
C ASN A 58 7.31 35.96 12.15
N GLY A 59 7.54 36.34 10.90
CA GLY A 59 8.07 37.66 10.58
C GLY A 59 9.54 37.85 10.87
N MET A 60 10.27 36.78 11.19
CA MET A 60 11.68 36.86 11.49
C MET A 60 12.47 36.02 10.50
N LYS A 61 13.58 36.58 10.02
CA LYS A 61 14.43 35.87 9.06
C LYS A 61 15.25 34.80 9.76
N LYS A 62 15.39 33.66 9.09
CA LYS A 62 16.19 32.55 9.59
C LYS A 62 16.86 31.86 8.43
N MET A 63 17.95 31.16 8.72
CA MET A 63 18.74 30.45 7.71
C MET A 63 18.63 28.96 7.95
N VAL A 64 18.21 28.22 6.92
CA VAL A 64 18.08 26.77 6.97
C VAL A 64 19.21 26.19 6.13
N SER A 65 20.14 25.49 6.78
CA SER A 65 21.26 24.86 6.13
C SER A 65 21.44 23.45 6.67
N GLY A 66 21.69 22.50 5.78
CA GLY A 66 21.89 21.13 6.19
C GLY A 66 21.96 20.20 4.99
N VAL A 67 22.09 18.92 5.31
CA VAL A 67 22.16 17.86 4.31
C VAL A 67 21.22 16.73 4.72
N PHE A 68 20.45 16.23 3.76
CA PHE A 68 19.51 15.15 3.98
C PHE A 68 19.95 13.92 3.22
N ASP A 69 20.06 12.79 3.91
CA ASP A 69 20.40 11.50 3.33
C ASP A 69 19.13 10.65 3.19
N THR A 70 19.30 9.43 2.69
CA THR A 70 18.17 8.59 2.29
C THR A 70 17.28 8.17 3.45
N ALA A 71 17.59 8.61 4.66
CA ALA A 71 16.73 8.39 5.81
C ALA A 71 15.91 9.63 6.17
N ASP A 72 15.97 10.68 5.36
CA ASP A 72 15.29 11.93 5.67
C ASP A 72 14.19 12.28 4.68
N TYR A 73 14.48 12.28 3.38
CA TYR A 73 13.52 12.79 2.40
C TYR A 73 12.54 11.72 1.93
N THR A 74 12.42 10.61 2.65
CA THR A 74 11.54 9.53 2.20
C THR A 74 11.08 8.73 3.42
N PHE A 75 10.20 7.78 3.16
CA PHE A 75 9.61 6.91 4.16
C PHE A 75 9.64 5.49 3.63
N PRO A 76 9.51 4.49 4.49
CA PRO A 76 9.49 3.10 4.01
C PRO A 76 8.38 2.89 3.00
N LEU A 77 8.68 2.11 1.98
CA LEU A 77 7.79 1.97 0.83
C LEU A 77 6.43 1.39 1.25
N GLN A 78 5.38 1.95 0.67
CA GLN A 78 4.01 1.50 0.92
C GLN A 78 3.50 0.80 -0.34
N GLY A 79 3.79 -0.49 -0.44
CA GLY A 79 3.40 -1.24 -1.62
C GLY A 79 4.19 -0.79 -2.83
N ASN A 80 3.49 -0.61 -3.95
CA ASN A 80 4.13 -0.21 -5.21
C ASN A 80 4.02 1.30 -5.40
N SER A 81 4.68 2.02 -4.50
CA SER A 81 4.72 3.48 -4.53
C SER A 81 5.84 3.95 -3.61
N PHE A 82 6.28 5.19 -3.84
CA PHE A 82 7.27 5.77 -2.94
C PHE A 82 7.18 7.29 -2.99
N PHE A 83 7.50 7.91 -1.85
CA PHE A 83 7.37 9.35 -1.67
C PHE A 83 8.75 9.98 -1.48
N VAL A 84 8.90 11.20 -1.97
CA VAL A 84 10.14 11.95 -1.89
C VAL A 84 9.84 13.34 -1.34
N MET A 85 10.57 13.75 -0.31
CA MET A 85 10.43 15.09 0.24
C MET A 85 10.87 16.13 -0.79
N THR A 86 10.12 17.21 -0.89
CA THR A 86 10.55 18.29 -1.77
C THR A 86 10.56 19.65 -1.09
N ASN A 87 9.60 19.93 -0.22
CA ASN A 87 9.56 21.20 0.49
C ASN A 87 8.85 20.97 1.83
N PHE A 88 9.25 21.74 2.83
CA PHE A 88 8.69 21.56 4.16
C PHE A 88 8.61 22.89 4.89
N ILE A 89 7.57 23.02 5.71
CA ILE A 89 7.39 24.14 6.63
C ILE A 89 7.40 23.58 8.04
N LYS A 90 8.27 24.09 8.89
CA LYS A 90 8.52 23.52 10.20
C LYS A 90 8.03 24.44 11.30
N THR A 91 7.40 23.86 12.32
CA THR A 91 7.00 24.58 13.52
C THR A 91 7.40 23.72 14.72
N GLU A 92 8.33 24.22 15.52
CA GLU A 92 8.93 23.46 16.62
C GLU A 92 8.42 23.96 17.96
N GLY A 93 8.37 23.07 18.93
CA GLY A 93 8.02 23.42 20.29
C GLY A 93 6.57 23.82 20.48
N GLN A 94 5.67 22.86 20.33
CA GLN A 94 4.24 23.10 20.50
C GLN A 94 3.76 22.44 21.78
N GLN A 95 3.14 23.22 22.66
CA GLN A 95 2.54 22.73 23.88
C GLN A 95 1.03 22.88 23.80
N GLN A 96 0.31 21.92 24.35
CA GLN A 96 -1.13 21.85 24.15
C GLN A 96 -1.85 22.67 25.21
N GLY A 97 -2.57 23.69 24.76
CA GLY A 97 -3.24 24.60 25.67
C GLY A 97 -4.04 25.62 24.91
N LEU A 98 -4.49 26.64 25.63
CA LEU A 98 -5.32 27.69 25.05
C LEU A 98 -4.42 28.85 24.61
N CYS A 99 -4.50 29.21 23.33
CA CYS A 99 -3.69 30.28 22.77
C CYS A 99 -4.37 30.82 21.53
N PRO A 100 -4.14 32.08 21.17
CA PRO A 100 -4.75 32.64 19.96
C PRO A 100 -4.25 31.95 18.70
N ASP A 101 -5.11 31.90 17.68
CA ASP A 101 -4.79 31.28 16.40
C ASP A 101 -4.26 32.33 15.43
N PHE A 102 -3.96 31.88 14.22
CA PHE A 102 -3.49 32.79 13.18
C PHE A 102 -4.61 33.72 12.75
N PRO A 103 -4.37 35.04 12.70
CA PRO A 103 -5.45 35.98 12.35
C PRO A 103 -5.73 35.98 10.86
N THR A 104 -6.87 35.42 10.47
CA THR A 104 -7.33 35.42 9.09
C THR A 104 -8.66 36.18 9.02
N ALA A 105 -9.28 36.17 7.84
CA ALA A 105 -10.54 36.86 7.66
C ALA A 105 -11.64 36.25 8.51
N ARG A 106 -11.70 34.92 8.57
CA ARG A 106 -12.77 34.24 9.29
C ARG A 106 -12.48 34.08 10.77
N THR A 107 -11.25 34.31 11.22
CA THR A 107 -10.90 34.16 12.63
C THR A 107 -10.73 35.48 13.36
N ILE A 108 -10.76 36.61 12.67
CA ILE A 108 -10.60 37.91 13.31
C ILE A 108 -11.89 38.29 14.01
N CYS A 109 -11.77 39.08 15.07
CA CYS A 109 -12.93 39.55 15.81
C CYS A 109 -12.61 40.88 16.47
N SER A 110 -13.67 41.61 16.81
CA SER A 110 -13.57 42.84 17.59
C SER A 110 -14.25 42.73 18.95
N SER A 111 -15.11 41.74 19.16
CA SER A 111 -15.77 41.52 20.43
C SER A 111 -15.90 40.02 20.66
N ASP A 112 -16.19 39.64 21.91
CA ASP A 112 -16.31 38.23 22.24
C ASP A 112 -17.52 37.59 21.57
N ARG A 113 -18.51 38.40 21.17
CA ARG A 113 -19.71 37.86 20.55
C ARG A 113 -19.51 37.47 19.09
N GLY A 114 -18.41 37.90 18.47
CA GLY A 114 -18.19 37.56 17.06
C GLY A 114 -17.99 36.07 16.85
N CYS A 115 -17.19 35.43 17.70
CA CYS A 115 -16.91 34.01 17.63
C CYS A 115 -17.36 33.34 18.92
N LYS A 116 -18.16 32.29 18.80
CA LYS A 116 -18.74 31.61 19.95
C LYS A 116 -17.97 30.33 20.26
N LYS A 117 -17.95 29.97 21.54
CA LYS A 117 -17.24 28.78 21.98
C LYS A 117 -17.94 27.52 21.47
N GLY A 118 -17.14 26.53 21.10
CA GLY A 118 -17.65 25.26 20.62
C GLY A 118 -17.91 25.19 19.13
N ARG A 119 -17.77 26.30 18.40
CA ARG A 119 -17.98 26.28 16.96
C ARG A 119 -16.68 25.88 16.26
N MET A 120 -16.75 24.84 15.45
CA MET A 120 -15.59 24.31 14.72
C MET A 120 -15.63 24.84 13.30
N ASP A 121 -14.84 25.88 13.03
CA ASP A 121 -14.71 26.40 11.68
C ASP A 121 -13.93 25.41 10.82
N PRO A 122 -14.14 25.41 9.49
CA PRO A 122 -13.43 24.45 8.66
C PRO A 122 -12.09 24.91 8.07
N GLN A 123 -11.54 26.01 8.57
CA GLN A 123 -10.12 26.36 8.40
C GLN A 123 -9.62 26.76 9.78
N SER A 124 -9.28 25.76 10.60
CA SER A 124 -8.89 25.99 11.98
C SER A 124 -8.42 24.69 12.61
N LYS A 125 -7.43 24.79 13.49
CA LYS A 125 -6.98 23.66 14.30
C LYS A 125 -7.20 24.05 15.76
N GLY A 126 -8.22 23.47 16.38
CA GLY A 126 -8.56 23.76 17.76
C GLY A 126 -9.98 24.27 17.90
N ILE A 127 -10.41 24.38 19.16
CA ILE A 127 -11.74 24.84 19.52
C ILE A 127 -11.58 26.13 20.31
N GLN A 128 -12.22 27.20 19.83
CA GLN A 128 -12.15 28.47 20.52
C GLN A 128 -13.08 28.50 21.72
N THR A 129 -12.76 29.37 22.68
CA THR A 129 -13.54 29.53 23.89
C THR A 129 -14.34 30.83 23.94
N GLY A 130 -14.17 31.71 22.94
CA GLY A 130 -14.92 32.95 22.91
C GLY A 130 -14.31 34.06 23.74
N ARG A 131 -13.01 34.31 23.56
CA ARG A 131 -12.30 35.37 24.28
C ARG A 131 -11.40 36.08 23.26
N CYS A 132 -11.93 37.13 22.65
CA CYS A 132 -11.19 37.88 21.64
C CYS A 132 -10.11 38.73 22.29
N VAL A 133 -8.89 38.19 22.34
CA VAL A 133 -7.76 38.87 22.96
C VAL A 133 -6.76 39.23 21.87
N VAL A 134 -5.82 40.12 22.21
CA VAL A 134 -4.81 40.55 21.26
C VAL A 134 -3.76 39.46 21.09
N TYR A 135 -3.27 39.30 19.86
CA TYR A 135 -2.25 38.32 19.53
C TYR A 135 -0.93 38.97 19.13
N LYS A 136 -0.95 39.90 18.19
CA LYS A 136 0.26 40.59 17.76
C LYS A 136 -0.15 41.83 16.96
N GLU A 137 0.55 42.94 17.23
CA GLU A 137 0.29 44.22 16.56
C GLU A 137 -1.17 44.65 16.72
N ARG A 138 -1.70 44.45 17.94
CA ARG A 138 -3.07 44.85 18.28
C ARG A 138 -4.10 44.21 17.36
N LEU A 139 -3.89 42.93 17.03
CA LEU A 139 -4.83 42.16 16.23
C LEU A 139 -5.61 41.25 17.16
N LYS A 140 -6.93 41.41 17.19
CA LYS A 140 -7.78 40.72 18.15
C LYS A 140 -8.35 39.46 17.52
N THR A 141 -8.05 38.31 18.13
CA THR A 141 -8.62 37.03 17.74
C THR A 141 -8.98 36.26 19.00
N CYS A 142 -9.94 35.35 18.88
CA CYS A 142 -10.36 34.55 20.03
C CYS A 142 -9.50 33.29 20.12
N GLU A 143 -8.93 33.07 21.30
CA GLU A 143 -7.99 31.97 21.50
C GLU A 143 -8.71 30.63 21.40
N VAL A 144 -7.99 29.64 20.87
CA VAL A 144 -8.51 28.29 20.72
C VAL A 144 -7.63 27.34 21.52
N SER A 145 -8.19 26.18 21.84
CA SER A 145 -7.47 25.13 22.55
C SER A 145 -6.82 24.21 21.53
N ALA A 146 -5.50 24.32 21.38
CA ALA A 146 -4.76 23.56 20.39
C ALA A 146 -3.28 23.57 20.77
N TRP A 147 -2.43 23.13 19.85
CA TRP A 147 -1.00 23.20 20.05
C TRP A 147 -0.49 24.61 19.77
N CYS A 148 0.41 25.09 20.63
CA CYS A 148 0.92 26.44 20.54
C CYS A 148 2.44 26.44 20.40
N PRO A 149 3.00 27.30 19.55
CA PRO A 149 2.30 28.27 18.68
C PRO A 149 1.65 27.60 17.49
N ILE A 150 0.48 28.09 17.06
CA ILE A 150 -0.22 27.49 15.94
C ILE A 150 0.54 27.78 14.65
N GLU A 151 0.76 26.74 13.84
CA GLU A 151 1.51 26.87 12.60
C GLU A 151 0.86 27.91 11.68
N GLU A 152 1.57 29.02 11.46
CA GLU A 152 1.03 30.08 10.60
C GLU A 152 0.90 29.57 9.17
N VAL A 153 -0.24 29.87 8.55
CA VAL A 153 -0.49 29.45 7.17
C VAL A 153 0.26 30.40 6.24
N LYS A 154 1.19 29.85 5.46
CA LYS A 154 1.99 30.63 4.52
C LYS A 154 2.32 29.77 3.32
N ASP A 155 2.55 30.44 2.19
CA ASP A 155 2.92 29.74 0.98
C ASP A 155 4.35 29.20 1.08
N ALA A 156 4.61 28.14 0.32
CA ALA A 156 5.94 27.57 0.29
C ALA A 156 6.93 28.56 -0.33
N PRO A 157 8.19 28.53 0.09
CA PRO A 157 9.18 29.44 -0.50
C PRO A 157 9.30 29.23 -1.99
N ARG A 158 9.50 30.33 -2.72
CA ARG A 158 9.57 30.26 -4.18
C ARG A 158 10.70 29.36 -4.67
N PRO A 159 11.93 29.45 -4.15
CA PRO A 159 12.94 28.45 -4.52
C PRO A 159 12.72 27.18 -3.70
N ALA A 160 12.58 26.04 -4.39
CA ALA A 160 12.36 24.78 -3.72
C ALA A 160 13.54 24.44 -2.81
N LEU A 161 13.24 24.03 -1.58
CA LEU A 161 14.29 23.67 -0.64
C LEU A 161 15.10 22.48 -1.15
N LEU A 162 14.41 21.41 -1.54
CA LEU A 162 15.07 20.25 -2.14
C LEU A 162 15.01 20.33 -3.66
N ASN A 163 15.57 21.43 -4.19
CA ASN A 163 15.60 21.63 -5.63
C ASN A 163 16.53 20.64 -6.32
N SER A 164 17.41 19.97 -5.57
CA SER A 164 18.29 18.96 -6.13
C SER A 164 17.64 17.60 -6.25
N ALA A 165 16.37 17.47 -5.83
CA ALA A 165 15.68 16.19 -5.91
C ALA A 165 15.56 15.69 -7.34
N GLU A 166 15.62 16.57 -8.33
CA GLU A 166 15.60 16.15 -9.72
C GLU A 166 16.85 15.38 -10.12
N ASN A 167 17.90 15.40 -9.31
CA ASN A 167 19.14 14.71 -9.61
C ASN A 167 19.21 13.31 -9.00
N PHE A 168 18.15 12.87 -8.32
CA PHE A 168 18.16 11.57 -7.67
C PHE A 168 17.96 10.45 -8.67
N THR A 169 18.37 9.24 -8.27
CA THR A 169 18.21 8.05 -9.09
C THR A 169 17.41 7.01 -8.32
N VAL A 170 16.59 6.26 -9.06
CA VAL A 170 15.72 5.25 -8.47
C VAL A 170 15.89 3.94 -9.23
N LEU A 171 16.01 2.84 -8.50
CA LEU A 171 16.15 1.51 -9.07
C LEU A 171 14.89 0.71 -8.79
N ILE A 172 14.31 0.14 -9.85
CA ILE A 172 13.03 -0.56 -9.78
C ILE A 172 13.25 -1.99 -10.25
N LYS A 173 12.80 -2.95 -9.46
CA LYS A 173 12.82 -4.37 -9.81
C LYS A 173 11.39 -4.88 -9.84
N ASN A 174 11.00 -5.49 -10.96
CA ASN A 174 9.64 -5.98 -11.16
C ASN A 174 9.67 -7.48 -11.38
N ASN A 175 8.84 -8.20 -10.63
CA ASN A 175 8.69 -9.65 -10.77
C ASN A 175 7.23 -9.94 -11.08
N ILE A 176 6.95 -10.29 -12.33
CA ILE A 176 5.58 -10.52 -12.77
C ILE A 176 5.33 -12.02 -12.89
N ASP A 177 4.07 -12.39 -12.74
CA ASP A 177 3.64 -13.79 -12.76
C ASP A 177 2.46 -13.94 -13.71
N PHE A 178 2.26 -15.16 -14.19
CA PHE A 178 1.08 -15.53 -14.96
C PHE A 178 0.50 -16.78 -14.32
N PRO A 179 -0.40 -16.61 -13.35
CA PRO A 179 -0.90 -17.78 -12.59
C PRO A 179 -1.65 -18.79 -13.45
N GLY A 180 -2.19 -18.39 -14.59
CA GLY A 180 -2.84 -19.34 -15.46
C GLY A 180 -1.87 -20.37 -16.02
N HIS A 181 -0.66 -19.93 -16.35
CA HIS A 181 0.39 -20.81 -16.86
C HIS A 181 1.46 -21.00 -15.78
N ASN A 182 2.54 -21.69 -16.16
CA ASN A 182 3.71 -21.82 -15.30
C ASN A 182 4.80 -20.85 -15.75
N TYR A 183 4.59 -19.57 -15.43
CA TYR A 183 5.52 -18.53 -15.83
C TYR A 183 5.62 -17.46 -14.76
N THR A 184 6.85 -17.21 -14.30
CA THR A 184 7.15 -16.11 -13.39
C THR A 184 8.49 -15.52 -13.81
N THR A 185 8.48 -14.29 -14.32
CA THR A 185 9.70 -13.67 -14.83
C THR A 185 9.97 -12.36 -14.10
N ARG A 186 11.14 -11.80 -14.38
CA ARG A 186 11.65 -10.62 -13.68
C ARG A 186 11.91 -9.49 -14.66
N ASN A 187 12.04 -8.28 -14.11
CA ASN A 187 12.29 -7.10 -14.93
C ASN A 187 13.72 -7.10 -15.47
N ILE A 188 14.69 -7.46 -14.62
CA ILE A 188 16.10 -7.41 -14.98
C ILE A 188 16.60 -8.82 -15.21
N LEU A 189 17.17 -9.07 -16.38
CA LEU A 189 17.75 -10.36 -16.69
C LEU A 189 19.13 -10.49 -16.05
N PRO A 190 19.58 -11.71 -15.76
CA PRO A 190 20.92 -11.89 -15.21
C PRO A 190 22.00 -11.56 -16.24
N GLY A 191 23.16 -11.18 -15.72
CA GLY A 191 24.29 -10.84 -16.57
C GLY A 191 24.10 -9.59 -17.41
N VAL A 192 23.55 -8.52 -16.82
CA VAL A 192 23.34 -7.25 -17.50
C VAL A 192 23.98 -6.15 -16.66
N ASN A 193 24.49 -5.13 -17.34
CA ASN A 193 25.16 -4.03 -16.67
C ASN A 193 24.19 -3.29 -15.75
N ILE A 194 24.71 -2.85 -14.61
CA ILE A 194 23.92 -2.14 -13.62
C ILE A 194 24.07 -0.63 -13.76
N THR A 195 25.30 -0.15 -13.91
CA THR A 195 25.55 1.28 -14.04
C THR A 195 25.09 1.76 -15.42
N CYS A 196 23.97 2.49 -15.45
CA CYS A 196 23.38 2.97 -16.68
C CYS A 196 22.28 3.97 -16.32
N THR A 197 21.81 4.68 -17.34
CA THR A 197 20.74 5.65 -17.19
C THR A 197 19.69 5.37 -18.27
N PHE A 198 18.42 5.34 -17.85
CA PHE A 198 17.35 5.01 -18.78
C PHE A 198 17.23 6.06 -19.88
N HIS A 199 16.96 5.59 -21.10
CA HIS A 199 16.72 6.46 -22.24
C HIS A 199 15.85 5.71 -23.23
N LYS A 200 14.96 6.44 -23.91
CA LYS A 200 14.03 5.79 -24.83
C LYS A 200 14.77 5.13 -25.99
N THR A 201 15.78 5.80 -26.54
CA THR A 201 16.51 5.30 -27.69
C THR A 201 17.84 4.64 -27.33
N GLN A 202 18.59 5.22 -26.39
CA GLN A 202 19.90 4.67 -26.05
C GLN A 202 19.78 3.30 -25.39
N ASN A 203 18.94 3.19 -24.38
CA ASN A 203 18.80 1.94 -23.63
C ASN A 203 17.47 1.89 -22.89
N PRO A 204 16.41 1.40 -23.52
CA PRO A 204 15.09 1.36 -22.87
C PRO A 204 14.91 0.23 -21.87
N GLN A 205 15.92 -0.63 -21.69
CA GLN A 205 15.84 -1.72 -20.73
C GLN A 205 16.45 -1.39 -19.38
N CYS A 206 17.07 -0.22 -19.23
CA CYS A 206 17.70 0.15 -17.96
C CYS A 206 16.64 0.59 -16.97
N PRO A 207 16.53 -0.06 -15.80
CA PRO A 207 15.51 0.35 -14.83
C PRO A 207 15.88 1.58 -14.02
N ILE A 208 17.13 2.03 -14.06
CA ILE A 208 17.56 3.19 -13.29
C ILE A 208 16.94 4.43 -13.92
N PHE A 209 15.97 5.03 -13.24
CA PHE A 209 15.29 6.23 -13.73
C PHE A 209 15.83 7.46 -13.02
N ARG A 210 15.96 8.55 -13.77
CA ARG A 210 16.37 9.84 -13.22
C ARG A 210 15.15 10.74 -13.11
N LEU A 211 14.98 11.35 -11.94
CA LEU A 211 13.79 12.17 -11.71
C LEU A 211 13.72 13.35 -12.67
N GLY A 212 14.86 14.00 -12.91
CA GLY A 212 14.88 15.05 -13.91
C GLY A 212 14.51 14.54 -15.29
N ASP A 213 15.00 13.35 -15.65
CA ASP A 213 14.72 12.79 -16.96
C ASP A 213 13.24 12.47 -17.13
N ILE A 214 12.63 11.83 -16.12
CA ILE A 214 11.22 11.47 -16.22
C ILE A 214 10.35 12.72 -16.22
N PHE A 215 10.73 13.74 -15.44
CA PHE A 215 9.93 14.96 -15.43
C PHE A 215 10.05 15.72 -16.74
N GLN A 216 11.24 15.71 -17.36
CA GLN A 216 11.42 16.37 -18.64
C GLN A 216 10.74 15.61 -19.77
N GLU A 217 10.62 14.28 -19.64
CA GLU A 217 9.98 13.49 -20.67
C GLU A 217 8.52 13.88 -20.84
N THR A 218 7.82 14.14 -19.74
CA THR A 218 6.42 14.54 -19.81
C THR A 218 6.24 16.01 -20.16
N GLY A 219 7.33 16.78 -20.26
CA GLY A 219 7.24 18.17 -20.64
C GLY A 219 6.92 19.14 -19.53
N ASP A 220 6.97 18.70 -18.28
CA ASP A 220 6.68 19.55 -17.12
C ASP A 220 7.98 19.79 -16.35
N SER A 221 8.29 21.06 -16.12
CA SER A 221 9.51 21.40 -15.39
C SER A 221 9.43 20.92 -13.95
N PHE A 222 10.56 20.41 -13.45
CA PHE A 222 10.59 19.90 -12.08
C PHE A 222 10.37 21.00 -11.06
N SER A 223 10.95 22.19 -11.30
CA SER A 223 10.86 23.27 -10.32
C SER A 223 9.42 23.74 -10.13
N ASP A 224 8.67 23.88 -11.23
CA ASP A 224 7.30 24.37 -11.12
C ASP A 224 6.41 23.41 -10.35
N VAL A 225 6.50 22.11 -10.64
CA VAL A 225 5.70 21.13 -9.93
C VAL A 225 6.25 20.77 -8.56
N ALA A 226 7.46 21.20 -8.24
CA ALA A 226 8.08 20.90 -6.97
C ALA A 226 7.63 21.84 -5.86
N ILE A 227 6.95 22.93 -6.19
CA ILE A 227 6.54 23.89 -5.17
C ILE A 227 5.47 23.28 -4.26
N GLN A 228 4.46 22.63 -4.85
CA GLN A 228 3.39 22.00 -4.09
C GLN A 228 3.35 20.50 -4.28
N GLY A 229 4.33 19.92 -4.99
CA GLY A 229 4.34 18.49 -5.22
C GLY A 229 3.36 18.06 -6.29
N GLY A 230 3.16 16.74 -6.36
CA GLY A 230 2.27 16.18 -7.36
C GLY A 230 2.30 14.67 -7.29
N ILE A 231 1.65 14.04 -8.27
CA ILE A 231 1.60 12.60 -8.38
C ILE A 231 2.19 12.21 -9.72
N MET A 232 3.14 11.28 -9.70
CA MET A 232 3.84 10.82 -10.89
C MET A 232 3.44 9.37 -11.15
N GLY A 233 3.32 8.98 -12.41
CA GLY A 233 2.96 7.61 -12.72
C GLY A 233 3.88 6.96 -13.72
N ILE A 234 4.51 5.85 -13.33
CA ILE A 234 5.40 5.08 -14.19
C ILE A 234 4.72 3.76 -14.50
N GLU A 235 4.36 3.55 -15.76
CA GLU A 235 3.71 2.32 -16.19
C GLU A 235 4.74 1.38 -16.80
N ILE A 236 4.70 0.13 -16.36
CA ILE A 236 5.49 -0.95 -16.93
C ILE A 236 4.50 -1.87 -17.64
N TYR A 237 4.58 -1.91 -18.96
CA TYR A 237 3.67 -2.71 -19.78
C TYR A 237 4.37 -3.98 -20.23
N TRP A 238 3.71 -5.12 -19.97
CA TRP A 238 4.25 -6.44 -20.31
C TRP A 238 3.38 -7.09 -21.37
N ASP A 239 3.97 -7.41 -22.52
CA ASP A 239 3.29 -8.11 -23.61
C ASP A 239 4.12 -9.34 -23.92
N CYS A 240 3.84 -10.44 -23.21
CA CYS A 240 4.63 -11.65 -23.28
C CYS A 240 3.87 -12.73 -24.03
N ASN A 241 4.55 -13.38 -24.98
CA ASN A 241 4.03 -14.53 -25.70
C ASN A 241 4.70 -15.78 -25.17
N LEU A 242 3.91 -16.69 -24.59
CA LEU A 242 4.46 -17.87 -23.94
C LEU A 242 4.60 -19.06 -24.89
N ASP A 243 4.23 -18.92 -26.15
CA ASP A 243 4.40 -20.00 -27.11
C ASP A 243 5.89 -20.26 -27.34
N GLY A 244 6.21 -21.51 -27.69
CA GLY A 244 7.59 -21.87 -27.93
C GLY A 244 8.21 -21.09 -29.07
N TRP A 245 7.46 -20.90 -30.14
CA TRP A 245 7.93 -20.12 -31.28
C TRP A 245 7.67 -18.64 -31.05
N PHE A 246 8.59 -17.80 -31.53
CA PHE A 246 8.50 -16.35 -31.36
C PHE A 246 8.31 -15.96 -29.89
N HIS A 247 9.06 -16.62 -29.01
CA HIS A 247 8.93 -16.39 -27.57
C HIS A 247 9.71 -15.16 -27.14
N HIS A 248 9.02 -14.23 -26.50
CA HIS A 248 9.66 -13.03 -25.97
C HIS A 248 8.74 -12.42 -24.92
N CYS A 249 9.34 -11.92 -23.83
CA CYS A 249 8.58 -11.28 -22.77
C CYS A 249 9.47 -10.20 -22.15
N ARG A 250 9.34 -8.97 -22.67
CA ARG A 250 10.11 -7.83 -22.22
C ARG A 250 9.18 -6.68 -21.91
N PRO A 251 9.56 -5.82 -20.95
CA PRO A 251 8.69 -4.71 -20.55
C PRO A 251 8.96 -3.43 -21.33
N LYS A 252 7.97 -2.54 -21.29
CA LYS A 252 8.07 -1.21 -21.87
C LYS A 252 7.73 -0.19 -20.81
N TYR A 253 8.51 0.89 -20.74
CA TYR A 253 8.36 1.91 -19.70
C TYR A 253 7.72 3.16 -20.28
N SER A 254 6.70 3.66 -19.60
CA SER A 254 6.05 4.92 -19.97
C SER A 254 5.83 5.75 -18.71
N PHE A 255 5.72 7.07 -18.90
CA PHE A 255 5.54 7.98 -17.78
C PHE A 255 4.42 8.97 -18.08
N ARG A 256 3.71 9.40 -17.04
CA ARG A 256 2.75 10.49 -17.18
C ARG A 256 2.47 11.10 -15.82
N ARG A 257 1.72 12.21 -15.85
CA ARG A 257 1.36 12.94 -14.64
C ARG A 257 0.00 12.43 -14.14
N LEU A 258 -0.02 11.99 -12.89
CA LEU A 258 -1.22 11.44 -12.28
C LEU A 258 -2.05 12.49 -11.55
N ASP A 259 -1.66 13.75 -11.59
CA ASP A 259 -2.36 14.83 -10.91
C ASP A 259 -3.05 15.73 -11.93
N ASP A 260 -4.18 16.31 -11.53
CA ASP A 260 -4.99 17.06 -12.47
C ASP A 260 -4.28 18.33 -12.95
N LYS A 261 -3.37 18.87 -12.15
CA LYS A 261 -2.61 20.07 -12.51
C LYS A 261 -3.53 21.25 -12.84
N THR A 262 -4.61 21.38 -12.07
CA THR A 262 -5.55 22.47 -12.25
C THR A 262 -5.26 23.66 -11.33
N THR A 263 -4.72 23.41 -10.15
CA THR A 263 -4.37 24.46 -9.18
C THR A 263 -5.58 25.34 -8.84
N SER A 264 -6.75 24.70 -8.75
CA SER A 264 -7.97 25.43 -8.38
C SER A 264 -7.92 25.83 -6.92
N GLU A 265 -8.36 27.05 -6.60
CA GLU A 265 -8.36 27.51 -5.23
C GLU A 265 -9.29 26.66 -4.37
N SER A 266 -10.48 26.34 -4.88
CA SER A 266 -11.40 25.48 -4.13
C SER A 266 -10.82 24.08 -3.97
N LEU A 267 -10.19 23.56 -5.02
CA LEU A 267 -9.58 22.24 -4.96
C LEU A 267 -8.28 22.32 -4.17
N TYR A 268 -7.59 21.18 -4.06
CA TYR A 268 -6.36 21.09 -3.28
C TYR A 268 -5.20 20.80 -4.21
N PRO A 269 -4.46 21.82 -4.66
CA PRO A 269 -3.37 21.59 -5.60
C PRO A 269 -2.23 20.82 -4.98
N GLY A 270 -1.56 20.02 -5.80
CA GLY A 270 -0.39 19.28 -5.36
C GLY A 270 -0.72 18.15 -4.39
N TYR A 271 0.34 17.61 -3.82
CA TYR A 271 0.25 16.54 -2.83
C TYR A 271 1.01 16.97 -1.58
N ASN A 272 0.32 16.98 -0.44
CA ASN A 272 0.92 17.47 0.79
C ASN A 272 0.30 16.76 1.98
N PHE A 273 1.04 16.75 3.09
CA PHE A 273 0.52 16.19 4.33
C PHE A 273 1.33 16.72 5.51
N ARG A 274 0.76 16.59 6.70
CA ARG A 274 1.38 17.08 7.93
C ARG A 274 1.93 15.90 8.72
N TYR A 275 3.17 16.03 9.18
CA TYR A 275 3.85 15.02 9.97
C TYR A 275 4.17 15.60 11.34
N ALA A 276 3.82 14.86 12.40
CA ALA A 276 4.05 15.29 13.77
C ALA A 276 5.04 14.37 14.44
N LYS A 277 6.04 14.96 15.10
CA LYS A 277 7.04 14.22 15.86
C LYS A 277 6.93 14.60 17.33
N TYR A 278 6.71 13.60 18.18
CA TYR A 278 6.47 13.82 19.60
C TYR A 278 7.76 13.67 20.40
N TYR A 279 7.84 14.37 21.52
CA TYR A 279 8.94 14.24 22.45
C TYR A 279 8.50 14.78 23.81
N LYS A 280 9.37 14.62 24.81
CA LYS A 280 9.12 15.09 26.16
C LYS A 280 10.27 15.96 26.62
N GLU A 281 9.95 17.16 27.09
CA GLU A 281 10.94 18.09 27.62
C GLU A 281 10.42 18.68 28.91
N ASN A 282 11.25 18.65 29.96
CA ASN A 282 10.89 19.18 31.28
C ASN A 282 9.60 18.54 31.79
N ASN A 283 9.47 17.23 31.57
CA ASN A 283 8.30 16.45 31.97
C ASN A 283 7.02 16.99 31.33
N VAL A 284 7.14 17.60 30.15
CA VAL A 284 6.01 18.14 29.41
C VAL A 284 6.05 17.56 28.00
N GLU A 285 4.92 17.03 27.54
CA GLU A 285 4.85 16.46 26.20
C GLU A 285 4.71 17.58 25.17
N LYS A 286 5.60 17.58 24.18
CA LYS A 286 5.58 18.57 23.11
C LYS A 286 5.72 17.84 21.77
N ARG A 287 5.46 18.58 20.69
CA ARG A 287 5.55 17.99 19.37
C ARG A 287 5.98 19.05 18.36
N THR A 288 6.52 18.57 17.24
CA THR A 288 6.97 19.40 16.14
C THR A 288 6.17 19.03 14.90
N LEU A 289 5.65 20.06 14.21
CA LEU A 289 4.81 19.87 13.04
C LEU A 289 5.58 20.23 11.78
N ILE A 290 5.46 19.41 10.75
CA ILE A 290 6.12 19.63 9.47
C ILE A 290 5.08 19.46 8.37
N LYS A 291 4.76 20.54 7.68
CA LYS A 291 3.96 20.44 6.46
C LYS A 291 4.88 20.08 5.30
N VAL A 292 4.53 19.02 4.58
CA VAL A 292 5.41 18.39 3.60
C VAL A 292 4.71 18.41 2.25
N PHE A 293 5.39 18.97 1.24
CA PHE A 293 5.01 18.88 -0.15
C PHE A 293 6.04 18.05 -0.89
N GLY A 294 5.59 17.05 -1.64
CA GLY A 294 6.52 16.20 -2.38
C GLY A 294 5.79 15.39 -3.42
N ILE A 295 6.54 14.99 -4.45
CA ILE A 295 5.96 14.20 -5.54
C ILE A 295 5.93 12.73 -5.11
N ARG A 296 4.74 12.13 -5.20
CA ARG A 296 4.56 10.72 -4.89
C ARG A 296 4.58 9.93 -6.19
N PHE A 297 5.50 8.98 -6.29
CA PHE A 297 5.64 8.15 -7.48
C PHE A 297 4.87 6.85 -7.32
N ASP A 298 4.06 6.52 -8.34
CA ASP A 298 3.29 5.29 -8.39
C ASP A 298 3.85 4.41 -9.50
N ILE A 299 3.92 3.11 -9.23
CA ILE A 299 4.42 2.14 -10.19
C ILE A 299 3.22 1.35 -10.67
N LEU A 300 2.64 1.79 -11.79
CA LEU A 300 1.50 1.11 -12.42
C LEU A 300 2.06 0.06 -13.37
N VAL A 301 2.05 -1.18 -12.93
CA VAL A 301 2.53 -2.30 -13.75
C VAL A 301 1.34 -3.11 -14.23
N PHE A 302 1.29 -3.36 -15.54
CA PHE A 302 0.20 -4.12 -16.12
C PHE A 302 0.71 -4.85 -17.36
N GLY A 303 -0.04 -5.88 -17.75
CA GLY A 303 0.34 -6.63 -18.93
C GLY A 303 -0.53 -7.85 -19.08
N THR A 304 -0.23 -8.63 -20.12
CA THR A 304 -0.96 -9.84 -20.42
C THR A 304 0.02 -10.93 -20.87
N GLY A 305 -0.37 -12.18 -20.64
CA GLY A 305 0.43 -13.30 -21.09
C GLY A 305 -0.32 -14.20 -22.04
N GLY A 306 0.22 -14.41 -23.24
CA GLY A 306 -0.46 -15.20 -24.26
C GLY A 306 0.17 -16.57 -24.42
N LYS A 307 -0.68 -17.60 -24.35
CA LYS A 307 -0.25 -18.98 -24.53
C LYS A 307 -1.11 -19.65 -25.59
N PHE A 308 -0.67 -20.83 -26.04
CA PHE A 308 -1.36 -21.56 -27.09
C PHE A 308 -2.40 -22.48 -26.46
N ASN A 309 -3.65 -22.35 -26.91
CA ASN A 309 -4.74 -23.20 -26.45
C ASN A 309 -5.55 -23.66 -27.66
N VAL A 310 -6.19 -24.82 -27.52
CA VAL A 310 -6.87 -25.43 -28.66
C VAL A 310 -8.37 -25.12 -28.70
N ILE A 311 -9.01 -24.94 -27.55
CA ILE A 311 -10.46 -24.75 -27.54
C ILE A 311 -10.84 -23.40 -28.12
N GLN A 312 -10.11 -22.34 -27.75
CA GLN A 312 -10.36 -21.03 -28.32
C GLN A 312 -10.09 -21.04 -29.82
N LEU A 313 -9.03 -21.73 -30.24
CA LEU A 313 -8.75 -21.87 -31.66
C LEU A 313 -9.91 -22.56 -32.39
N ALA A 314 -10.46 -23.62 -31.80
CA ALA A 314 -11.58 -24.32 -32.42
C ALA A 314 -12.81 -23.43 -32.50
N VAL A 315 -13.08 -22.67 -31.44
CA VAL A 315 -14.25 -21.79 -31.44
C VAL A 315 -14.13 -20.72 -32.52
N TYR A 316 -12.95 -20.09 -32.61
CA TYR A 316 -12.77 -19.09 -33.66
C TYR A 316 -12.80 -19.72 -35.04
N ILE A 317 -12.28 -20.94 -35.18
CA ILE A 317 -12.32 -21.63 -36.46
C ILE A 317 -13.76 -21.86 -36.88
N GLY A 318 -14.61 -22.30 -35.96
CA GLY A 318 -16.01 -22.48 -36.28
C GLY A 318 -16.70 -21.17 -36.64
N SER A 319 -16.36 -20.10 -35.93
CA SER A 319 -16.95 -18.79 -36.23
C SER A 319 -16.60 -18.35 -37.65
N VAL A 320 -15.31 -18.44 -38.03
CA VAL A 320 -14.93 -18.05 -39.38
C VAL A 320 -15.47 -19.04 -40.41
N ILE A 321 -15.67 -20.30 -40.03
CA ILE A 321 -16.31 -21.26 -40.93
C ILE A 321 -17.72 -20.79 -41.28
N SER A 322 -18.50 -20.43 -40.25
CA SER A 322 -19.83 -19.91 -40.49
C SER A 322 -19.77 -18.63 -41.31
N TYR A 323 -18.81 -17.75 -41.01
CA TYR A 323 -18.72 -16.47 -41.72
C TYR A 323 -18.49 -16.68 -43.21
N PHE A 324 -17.48 -17.46 -43.58
CA PHE A 324 -17.20 -17.59 -45.01
C PHE A 324 -18.21 -18.49 -45.69
N GLY A 325 -18.84 -19.43 -44.97
CA GLY A 325 -19.93 -20.17 -45.56
C GLY A 325 -21.12 -19.30 -45.90
N LEU A 326 -21.47 -18.36 -45.00
CA LEU A 326 -22.52 -17.41 -45.29
C LEU A 326 -22.12 -16.49 -46.44
N ALA A 327 -20.84 -16.09 -46.49
CA ALA A 327 -20.37 -15.25 -47.59
C ALA A 327 -20.49 -15.98 -48.92
N THR A 328 -20.13 -17.28 -48.95
CA THR A 328 -20.24 -18.05 -50.18
C THR A 328 -21.70 -18.33 -50.54
N VAL A 329 -22.59 -18.39 -49.54
CA VAL A 329 -24.00 -18.62 -49.83
C VAL A 329 -24.58 -17.48 -50.65
N PHE A 330 -24.24 -16.24 -50.27
CA PHE A 330 -24.72 -15.07 -51.00
C PHE A 330 -23.60 -14.05 -51.19
N TRP B 11 -43.23 -19.06 -39.50
CA TRP B 11 -42.26 -18.04 -39.88
C TRP B 11 -42.04 -17.06 -38.74
N ILE B 12 -42.61 -17.37 -37.58
CA ILE B 12 -42.44 -16.51 -36.41
C ILE B 12 -41.05 -16.68 -35.81
N PHE B 13 -40.51 -17.90 -35.84
CA PHE B 13 -39.19 -18.14 -35.29
C PHE B 13 -38.11 -17.42 -36.09
N HIS B 14 -38.31 -17.27 -37.40
CA HIS B 14 -37.31 -16.61 -38.25
C HIS B 14 -37.13 -15.15 -37.86
N ALA B 15 -38.12 -14.56 -37.20
CA ALA B 15 -37.98 -13.20 -36.67
C ALA B 15 -37.67 -13.21 -35.18
N LEU B 16 -38.09 -14.25 -34.46
CA LEU B 16 -37.76 -14.36 -33.05
C LEU B 16 -36.25 -14.49 -32.85
N VAL B 17 -35.58 -15.27 -33.70
CA VAL B 17 -34.13 -15.42 -33.57
C VAL B 17 -33.43 -14.10 -33.80
N PHE B 18 -33.87 -13.35 -34.83
CA PHE B 18 -33.27 -12.05 -35.10
C PHE B 18 -33.51 -11.07 -33.95
N SER B 19 -34.72 -11.07 -33.40
CA SER B 19 -35.03 -10.19 -32.28
C SER B 19 -34.17 -10.53 -31.07
N TYR B 20 -34.01 -11.81 -30.76
CA TYR B 20 -33.19 -12.21 -29.63
C TYR B 20 -31.72 -11.88 -29.85
N ILE B 21 -31.23 -12.05 -31.09
CA ILE B 21 -29.84 -11.70 -31.39
C ILE B 21 -29.62 -10.19 -31.22
N SER B 22 -30.57 -9.39 -31.72
CA SER B 22 -30.45 -7.94 -31.56
C SER B 22 -30.49 -7.54 -30.10
N PHE B 23 -31.38 -8.17 -29.32
CA PHE B 23 -31.46 -7.89 -27.88
C PHE B 23 -30.14 -8.23 -27.19
N ALA B 24 -29.56 -9.39 -27.51
CA ALA B 24 -28.30 -9.77 -26.90
C ALA B 24 -27.19 -8.80 -27.27
N LEU B 25 -27.13 -8.40 -28.55
CA LEU B 25 -26.10 -7.47 -28.98
C LEU B 25 -26.25 -6.11 -28.31
N ILE B 26 -27.48 -5.65 -28.15
CA ILE B 26 -27.71 -4.34 -27.53
C ILE B 26 -27.40 -4.38 -26.04
N SER B 27 -27.82 -5.43 -25.35
CA SER B 27 -27.66 -5.48 -23.89
C SER B 27 -26.24 -5.87 -23.50
N ASP B 28 -25.79 -7.05 -23.91
CA ASP B 28 -24.49 -7.54 -23.49
C ASP B 28 -23.33 -6.79 -24.14
N LYS B 29 -23.60 -5.99 -25.18
CA LYS B 29 -22.58 -5.21 -25.86
C LYS B 29 -21.44 -6.10 -26.35
N ARG B 30 -21.80 -7.17 -27.06
CA ARG B 30 -20.80 -8.11 -27.56
C ARG B 30 -19.95 -7.51 -28.68
N TYR B 31 -20.43 -6.45 -29.32
CA TYR B 31 -19.66 -5.74 -30.35
C TYR B 31 -18.68 -4.73 -29.76
N GLN B 32 -18.39 -4.83 -28.47
CA GLN B 32 -17.58 -3.84 -27.76
C GLN B 32 -16.40 -4.54 -27.10
N LYS B 33 -15.19 -4.23 -27.57
CA LYS B 33 -13.99 -4.71 -26.91
C LYS B 33 -13.87 -4.06 -25.54
N LYS B 34 -13.53 -4.87 -24.53
CA LYS B 34 -13.45 -4.42 -23.16
C LYS B 34 -11.99 -4.45 -22.67
N GLU B 35 -11.64 -3.45 -21.87
CA GLU B 35 -10.31 -3.29 -21.33
C GLU B 35 -10.40 -3.04 -19.83
N PRO B 36 -9.41 -3.51 -19.05
CA PRO B 36 -9.49 -3.37 -17.59
C PRO B 36 -9.08 -1.99 -17.11
N LEU B 37 -9.00 -1.80 -15.80
CA LEU B 37 -8.81 -0.50 -15.21
C LEU B 37 -7.45 -0.38 -14.53
N ILE B 38 -6.78 0.74 -14.76
CA ILE B 38 -5.58 1.13 -14.03
C ILE B 38 -5.87 2.47 -13.37
N SER B 39 -5.90 2.48 -12.04
CA SER B 39 -6.43 3.61 -11.30
C SER B 39 -5.39 4.18 -10.34
N SER B 40 -5.75 5.32 -9.75
CA SER B 40 -4.90 6.00 -8.77
C SER B 40 -5.81 6.79 -7.83
N VAL B 41 -5.53 6.72 -6.53
CA VAL B 41 -6.37 7.31 -5.51
C VAL B 41 -5.56 8.33 -4.73
N HIS B 42 -6.10 9.53 -4.59
CA HIS B 42 -5.53 10.57 -3.73
C HIS B 42 -6.56 10.93 -2.68
N THR B 43 -6.16 10.88 -1.40
CA THR B 43 -7.10 11.03 -0.30
C THR B 43 -6.61 12.11 0.66
N LYS B 44 -7.54 12.93 1.14
CA LYS B 44 -7.24 13.94 2.14
C LYS B 44 -8.37 13.97 3.17
N VAL B 45 -8.02 13.77 4.43
CA VAL B 45 -8.98 13.76 5.53
C VAL B 45 -8.79 15.03 6.35
N LYS B 46 -9.89 15.70 6.65
CA LYS B 46 -9.89 16.96 7.40
C LYS B 46 -10.64 16.79 8.71
N GLY B 47 -10.83 17.91 9.40
CA GLY B 47 -11.56 17.92 10.66
C GLY B 47 -10.64 17.73 11.86
N ILE B 48 -11.16 18.14 13.02
CA ILE B 48 -10.45 18.03 14.28
C ILE B 48 -11.34 17.31 15.28
N ALA B 49 -10.72 16.78 16.33
CA ALA B 49 -11.43 16.03 17.36
C ALA B 49 -11.08 16.58 18.73
N GLU B 50 -12.07 16.57 19.63
CA GLU B 50 -11.89 17.03 21.00
C GLU B 50 -12.18 15.87 21.95
N VAL B 51 -11.25 15.60 22.86
CA VAL B 51 -11.36 14.51 23.81
C VAL B 51 -11.47 15.08 25.21
N LYS B 52 -12.46 14.62 25.97
CA LYS B 52 -12.62 15.01 27.37
C LYS B 52 -13.34 13.87 28.07
N ALA B 53 -12.57 13.03 28.76
CA ALA B 53 -13.13 11.85 29.41
C ALA B 53 -12.27 11.45 30.59
N GLU B 54 -12.67 10.40 31.29
CA GLU B 54 -11.96 9.86 32.42
C GLU B 54 -11.69 8.37 32.20
N ILE B 55 -10.48 7.93 32.57
CA ILE B 55 -10.07 6.55 32.39
C ILE B 55 -9.56 6.02 33.73
N LEU B 56 -9.45 4.69 33.81
CA LEU B 56 -8.95 4.00 34.98
C LEU B 56 -7.72 3.20 34.57
N GLU B 57 -6.55 3.65 35.01
CA GLU B 57 -5.28 2.99 34.70
C GLU B 57 -4.61 2.56 36.00
N ASN B 58 -4.25 1.28 36.07
CA ASN B 58 -3.57 0.71 37.24
C ASN B 58 -4.39 0.92 38.52
N GLY B 59 -5.71 0.91 38.41
CA GLY B 59 -6.57 1.13 39.55
C GLY B 59 -6.68 2.58 40.00
N MET B 60 -6.23 3.53 39.19
CA MET B 60 -6.26 4.94 39.53
C MET B 60 -7.03 5.70 38.45
N LYS B 61 -7.86 6.65 38.89
CA LYS B 61 -8.68 7.44 37.97
C LYS B 61 -7.87 8.63 37.47
N LYS B 62 -7.85 8.81 36.15
CA LYS B 62 -7.17 9.93 35.52
C LYS B 62 -8.11 10.58 34.51
N MET B 63 -7.83 11.84 34.20
CA MET B 63 -8.63 12.62 33.26
C MET B 63 -7.81 12.88 32.00
N VAL B 64 -8.38 12.51 30.85
CA VAL B 64 -7.74 12.72 29.55
C VAL B 64 -8.54 13.81 28.84
N SER B 65 -7.91 14.95 28.63
CA SER B 65 -8.53 16.09 27.95
C SER B 65 -7.55 16.68 26.96
N GLY B 66 -8.09 17.20 25.87
CA GLY B 66 -7.28 17.83 24.86
C GLY B 66 -7.94 17.79 23.49
N VAL B 67 -7.13 18.07 22.48
CA VAL B 67 -7.58 18.17 21.10
C VAL B 67 -6.57 17.49 20.19
N PHE B 68 -7.08 16.75 19.20
CA PHE B 68 -6.25 16.15 18.16
C PHE B 68 -6.63 16.74 16.81
N ASP B 69 -5.61 17.04 16.00
CA ASP B 69 -5.79 17.54 14.65
C ASP B 69 -5.24 16.50 13.66
N THR B 70 -5.24 16.87 12.37
CA THR B 70 -4.98 15.89 11.33
C THR B 70 -3.58 15.29 11.42
N ALA B 71 -2.69 15.90 12.19
CA ALA B 71 -1.37 15.29 12.40
C ALA B 71 -1.46 14.15 13.40
N ASP B 72 -2.54 14.06 14.17
CA ASP B 72 -2.61 13.11 15.27
C ASP B 72 -3.33 11.82 14.89
N TYR B 73 -4.62 11.92 14.50
CA TYR B 73 -5.44 10.72 14.44
C TYR B 73 -5.26 9.91 13.15
N THR B 74 -4.19 10.13 12.39
CA THR B 74 -3.99 9.39 11.16
C THR B 74 -2.50 9.34 10.84
N PHE B 75 -2.17 8.63 9.77
CA PHE B 75 -0.82 8.41 9.30
C PHE B 75 -0.80 8.65 7.80
N PRO B 76 0.38 8.86 7.22
CA PRO B 76 0.45 9.06 5.76
C PRO B 76 -0.16 7.88 5.02
N LEU B 77 -0.87 8.20 3.94
CA LEU B 77 -1.65 7.19 3.23
C LEU B 77 -0.76 6.10 2.67
N GLN B 78 -1.24 4.85 2.77
CA GLN B 78 -0.53 3.68 2.27
C GLN B 78 -1.28 3.17 1.03
N GLY B 79 -0.96 3.74 -0.12
CA GLY B 79 -1.65 3.36 -1.33
C GLY B 79 -3.08 3.86 -1.32
N ASN B 80 -4.01 2.99 -1.71
CA ASN B 80 -5.42 3.34 -1.78
C ASN B 80 -6.13 2.90 -0.51
N SER B 81 -5.78 3.57 0.60
CA SER B 81 -6.36 3.27 1.90
C SER B 81 -5.96 4.41 2.85
N PHE B 82 -6.72 4.52 3.95
CA PHE B 82 -6.35 5.48 4.98
C PHE B 82 -6.97 5.06 6.31
N PHE B 83 -6.22 5.28 7.38
CA PHE B 83 -6.60 4.88 8.72
C PHE B 83 -6.96 6.10 9.56
N VAL B 84 -7.93 5.93 10.46
CA VAL B 84 -8.39 6.99 11.34
C VAL B 84 -8.37 6.47 12.78
N MET B 85 -7.71 7.20 13.67
CA MET B 85 -7.71 6.85 15.08
C MET B 85 -9.12 6.98 15.65
N THR B 86 -9.50 6.03 16.49
CA THR B 86 -10.83 6.10 17.11
C THR B 86 -10.77 5.85 18.60
N ASN B 87 -9.79 5.07 19.06
CA ASN B 87 -9.66 4.77 20.48
C ASN B 87 -8.23 4.32 20.74
N PHE B 88 -7.75 4.59 21.95
CA PHE B 88 -6.37 4.25 22.28
C PHE B 88 -6.23 3.98 23.77
N ILE B 89 -5.28 3.12 24.09
CA ILE B 89 -4.86 2.85 25.46
C ILE B 89 -3.37 3.14 25.53
N LYS B 90 -2.98 4.03 26.46
CA LYS B 90 -1.64 4.56 26.52
C LYS B 90 -0.90 4.02 27.74
N THR B 91 0.36 3.60 27.52
CA THR B 91 1.26 3.23 28.61
C THR B 91 2.56 4.00 28.42
N GLU B 92 2.89 4.83 29.40
CA GLU B 92 4.02 5.74 29.32
C GLU B 92 5.08 5.39 30.35
N GLY B 93 6.35 5.52 29.97
CA GLY B 93 7.44 5.34 30.90
C GLY B 93 7.87 3.89 31.07
N GLN B 94 8.24 3.24 29.97
CA GLN B 94 8.65 1.84 29.99
C GLN B 94 10.16 1.75 29.91
N GLN B 95 10.77 1.12 30.91
CA GLN B 95 12.19 0.81 30.91
C GLN B 95 12.36 -0.70 30.76
N GLN B 96 13.43 -1.11 30.10
CA GLN B 96 13.60 -2.50 29.72
C GLN B 96 14.33 -3.26 30.83
N GLY B 97 13.73 -4.35 31.28
CA GLY B 97 14.30 -5.12 32.37
C GLY B 97 13.34 -6.21 32.82
N LEU B 98 13.67 -6.81 33.95
CA LEU B 98 12.88 -7.91 34.50
C LEU B 98 11.87 -7.34 35.50
N CYS B 99 10.59 -7.61 35.26
CA CYS B 99 9.53 -7.11 36.13
C CYS B 99 8.31 -8.00 35.98
N PRO B 100 7.45 -8.07 37.00
CA PRO B 100 6.25 -8.92 36.89
C PRO B 100 5.29 -8.42 35.83
N ASP B 101 4.54 -9.36 35.27
CA ASP B 101 3.56 -9.08 34.23
C ASP B 101 2.17 -8.95 34.84
N PHE B 102 1.19 -8.72 33.97
CA PHE B 102 -0.19 -8.61 34.41
C PHE B 102 -0.71 -9.98 34.83
N PRO B 103 -1.30 -10.11 36.02
CA PRO B 103 -1.75 -11.44 36.47
C PRO B 103 -3.02 -11.89 35.76
N THR B 104 -2.86 -12.83 34.83
CA THR B 104 -3.97 -13.46 34.13
C THR B 104 -4.28 -14.81 34.77
N ALA B 105 -5.12 -15.60 34.10
CA ALA B 105 -5.43 -16.95 34.57
C ALA B 105 -4.39 -17.97 34.15
N ARG B 106 -3.25 -17.54 33.60
CA ARG B 106 -2.19 -18.45 33.17
C ARG B 106 -0.82 -18.06 33.70
N THR B 107 -0.67 -16.87 34.29
CA THR B 107 0.60 -16.43 34.84
C THR B 107 0.64 -16.47 36.36
N ILE B 108 -0.46 -16.85 37.01
CA ILE B 108 -0.48 -16.93 38.47
C ILE B 108 0.38 -18.10 38.93
N CYS B 109 0.75 -18.08 40.22
CA CYS B 109 1.58 -19.15 40.75
C CYS B 109 1.28 -19.31 42.24
N SER B 110 1.71 -20.45 42.77
CA SER B 110 1.88 -20.64 44.20
C SER B 110 3.33 -20.89 44.58
N SER B 111 4.17 -21.24 43.61
CA SER B 111 5.60 -21.41 43.79
C SER B 111 6.30 -21.12 42.47
N ASP B 112 7.63 -21.12 42.51
CA ASP B 112 8.41 -20.85 41.30
C ASP B 112 8.21 -21.93 40.24
N ARG B 113 7.79 -23.12 40.63
CA ARG B 113 7.64 -24.23 39.70
C ARG B 113 6.46 -24.07 38.74
N GLY B 114 5.59 -23.10 38.97
CA GLY B 114 4.42 -22.95 38.12
C GLY B 114 4.76 -22.58 36.68
N CYS B 115 5.68 -21.63 36.51
CA CYS B 115 6.11 -21.18 35.19
C CYS B 115 7.60 -21.46 35.03
N LYS B 116 7.94 -22.26 34.02
CA LYS B 116 9.32 -22.62 33.76
C LYS B 116 10.08 -21.43 33.17
N LYS B 117 11.40 -21.58 33.05
CA LYS B 117 12.25 -20.53 32.53
C LYS B 117 12.54 -20.77 31.06
N GLY B 118 12.23 -19.78 30.22
CA GLY B 118 12.45 -19.87 28.80
C GLY B 118 11.21 -20.16 27.98
N ARG B 119 10.11 -20.55 28.61
CA ARG B 119 8.88 -20.84 27.88
C ARG B 119 8.24 -19.56 27.38
N MET B 120 7.85 -19.54 26.11
CA MET B 120 7.26 -18.38 25.48
C MET B 120 5.74 -18.59 25.43
N ASP B 121 5.03 -17.91 26.32
CA ASP B 121 3.57 -18.00 26.33
C ASP B 121 2.99 -17.18 25.17
N PRO B 122 1.85 -17.60 24.63
CA PRO B 122 1.22 -16.85 23.54
C PRO B 122 0.38 -15.66 23.99
N GLN B 123 0.28 -15.41 25.29
CA GLN B 123 -0.45 -14.25 25.81
C GLN B 123 0.43 -13.51 26.81
N SER B 124 1.71 -13.33 26.47
CA SER B 124 2.65 -12.63 27.34
C SER B 124 3.80 -12.11 26.50
N LYS B 125 4.24 -10.89 26.81
CA LYS B 125 5.37 -10.27 26.12
C LYS B 125 6.57 -10.31 27.06
N GLY B 126 7.58 -11.08 26.68
CA GLY B 126 8.78 -11.23 27.48
C GLY B 126 8.99 -12.69 27.87
N ILE B 127 10.16 -12.95 28.45
CA ILE B 127 10.54 -14.29 28.89
C ILE B 127 10.59 -14.29 30.41
N GLN B 128 9.76 -15.11 31.04
CA GLN B 128 9.80 -15.25 32.49
C GLN B 128 11.05 -16.00 32.92
N THR B 129 11.53 -15.69 34.12
CA THR B 129 12.79 -16.23 34.63
C THR B 129 12.60 -17.38 35.61
N GLY B 130 11.39 -17.60 36.12
CA GLY B 130 11.14 -18.71 37.02
C GLY B 130 11.30 -18.39 38.49
N ARG B 131 11.14 -17.12 38.85
CA ARG B 131 11.17 -16.67 40.24
C ARG B 131 9.94 -15.80 40.47
N CYS B 132 8.86 -16.41 40.93
CA CYS B 132 7.57 -15.71 40.96
C CYS B 132 7.38 -15.08 42.33
N VAL B 133 7.12 -13.77 42.33
CA VAL B 133 6.99 -12.98 43.55
C VAL B 133 5.67 -12.21 43.47
N VAL B 134 5.32 -11.56 44.58
CA VAL B 134 4.08 -10.79 44.65
C VAL B 134 4.15 -9.61 43.69
N TYR B 135 3.00 -9.21 43.17
CA TYR B 135 2.89 -8.09 42.24
C TYR B 135 2.10 -6.93 42.81
N LYS B 136 0.90 -7.20 43.34
CA LYS B 136 0.07 -6.16 43.93
C LYS B 136 -1.01 -6.84 44.77
N GLU B 137 -1.15 -6.39 46.02
CA GLU B 137 -2.11 -6.96 46.96
C GLU B 137 -1.89 -8.47 47.11
N ARG B 138 -0.62 -8.87 47.22
CA ARG B 138 -0.23 -10.28 47.37
C ARG B 138 -0.72 -11.12 46.19
N LEU B 139 -0.34 -10.71 44.99
CA LEU B 139 -0.63 -11.45 43.77
C LEU B 139 0.69 -11.95 43.20
N LYS B 140 0.88 -13.27 43.23
CA LYS B 140 2.16 -13.88 42.89
C LYS B 140 2.20 -14.19 41.39
N THR B 141 3.11 -13.53 40.68
CA THR B 141 3.40 -13.82 39.27
C THR B 141 4.90 -13.85 39.09
N CYS B 142 5.35 -14.53 38.03
CA CYS B 142 6.78 -14.62 37.73
C CYS B 142 7.20 -13.57 36.71
N GLU B 143 8.19 -12.78 37.08
CA GLU B 143 8.62 -11.63 36.30
C GLU B 143 9.18 -12.06 34.95
N VAL B 144 8.91 -11.25 33.93
CA VAL B 144 9.43 -11.47 32.60
C VAL B 144 10.39 -10.33 32.25
N SER B 145 11.26 -10.60 31.29
CA SER B 145 12.22 -9.61 30.81
C SER B 145 11.58 -8.89 29.62
N ALA B 146 11.04 -7.69 29.88
CA ALA B 146 10.35 -6.92 28.86
C ALA B 146 10.37 -5.45 29.27
N TRP B 147 9.56 -4.64 28.60
CA TRP B 147 9.40 -3.25 28.97
C TRP B 147 8.46 -3.14 30.16
N CYS B 148 8.75 -2.19 31.05
CA CYS B 148 8.01 -2.07 32.29
C CYS B 148 7.54 -0.63 32.48
N PRO B 149 6.33 -0.44 33.03
CA PRO B 149 5.38 -1.45 33.49
C PRO B 149 4.72 -2.19 32.32
N ILE B 150 4.33 -3.44 32.52
CA ILE B 150 3.70 -4.21 31.46
C ILE B 150 2.35 -3.58 31.12
N GLU B 151 2.06 -3.49 29.82
CA GLU B 151 0.80 -2.91 29.36
C GLU B 151 -0.39 -3.62 30.00
N GLU B 152 -1.25 -2.83 30.63
CA GLU B 152 -2.40 -3.39 31.33
C GLU B 152 -3.44 -3.87 30.34
N VAL B 153 -3.74 -5.17 30.37
CA VAL B 153 -4.75 -5.74 29.47
C VAL B 153 -6.13 -5.35 30.02
N LYS B 154 -6.82 -4.49 29.28
CA LYS B 154 -8.14 -4.01 29.67
C LYS B 154 -8.96 -3.72 28.43
N ASP B 155 -10.28 -3.73 28.60
CA ASP B 155 -11.18 -3.43 27.51
C ASP B 155 -11.15 -1.94 27.18
N ALA B 156 -11.54 -1.60 25.95
CA ALA B 156 -11.63 -0.22 25.55
C ALA B 156 -12.74 0.48 26.35
N PRO B 157 -12.57 1.78 26.62
CA PRO B 157 -13.60 2.50 27.37
C PRO B 157 -14.95 2.47 26.66
N ARG B 158 -16.02 2.37 27.46
CA ARG B 158 -17.35 2.28 26.87
C ARG B 158 -17.71 3.51 26.04
N PRO B 159 -17.47 4.75 26.48
CA PRO B 159 -17.62 5.88 25.56
C PRO B 159 -16.36 6.04 24.72
N ALA B 160 -16.55 6.22 23.42
CA ALA B 160 -15.40 6.34 22.52
C ALA B 160 -14.65 7.64 22.80
N LEU B 161 -13.32 7.53 22.93
CA LEU B 161 -12.50 8.71 23.16
C LEU B 161 -12.53 9.65 21.96
N LEU B 162 -12.81 9.12 20.77
CA LEU B 162 -12.90 9.94 19.57
C LEU B 162 -14.24 9.73 18.89
N ASN B 163 -15.33 9.79 19.67
CA ASN B 163 -16.66 9.59 19.12
C ASN B 163 -17.04 10.67 18.13
N SER B 164 -16.32 11.81 18.12
CA SER B 164 -16.55 12.86 17.14
C SER B 164 -15.98 12.51 15.77
N ALA B 165 -15.37 11.33 15.62
CA ALA B 165 -14.82 10.93 14.33
C ALA B 165 -15.89 10.84 13.25
N GLU B 166 -17.14 10.56 13.62
CA GLU B 166 -18.22 10.55 12.65
C GLU B 166 -18.47 11.93 12.04
N ASN B 167 -18.01 13.00 12.69
CA ASN B 167 -18.16 14.35 12.17
C ASN B 167 -16.95 14.80 11.36
N PHE B 168 -16.52 13.99 10.39
CA PHE B 168 -15.36 14.30 9.57
C PHE B 168 -15.73 14.31 8.09
N THR B 169 -14.88 14.93 7.30
CA THR B 169 -15.03 15.00 5.85
C THR B 169 -13.76 14.48 5.19
N VAL B 170 -13.93 13.75 4.08
CA VAL B 170 -12.82 13.19 3.34
C VAL B 170 -13.00 13.51 1.86
N LEU B 171 -11.91 13.90 1.21
CA LEU B 171 -11.90 14.22 -0.21
C LEU B 171 -11.07 13.16 -0.94
N ILE B 172 -11.69 12.51 -1.92
CA ILE B 172 -11.05 11.44 -2.69
C ILE B 172 -11.07 11.83 -4.16
N LYS B 173 -9.89 11.81 -4.78
CA LYS B 173 -9.74 12.06 -6.21
C LYS B 173 -9.25 10.78 -6.87
N ASN B 174 -9.98 10.33 -7.88
CA ASN B 174 -9.67 9.10 -8.59
C ASN B 174 -9.26 9.41 -10.03
N ASN B 175 -8.19 8.78 -10.49
CA ASN B 175 -7.68 8.97 -11.84
C ASN B 175 -7.47 7.59 -12.45
N ILE B 176 -8.32 7.23 -13.42
CA ILE B 176 -8.29 5.90 -14.01
C ILE B 176 -7.82 6.00 -15.46
N ASP B 177 -7.25 4.90 -15.95
CA ASP B 177 -6.73 4.79 -17.30
C ASP B 177 -7.29 3.54 -17.96
N PHE B 178 -7.30 3.55 -19.30
CA PHE B 178 -7.57 2.37 -20.11
C PHE B 178 -6.37 2.16 -21.01
N PRO B 179 -5.44 1.27 -20.64
CA PRO B 179 -4.18 1.15 -21.41
C PRO B 179 -4.38 0.60 -22.81
N GLY B 180 -5.38 -0.24 -23.04
CA GLY B 180 -5.60 -0.75 -24.38
C GLY B 180 -5.96 0.35 -25.37
N HIS B 181 -6.86 1.24 -24.97
CA HIS B 181 -7.22 2.41 -25.76
C HIS B 181 -6.36 3.60 -25.34
N ASN B 182 -6.74 4.80 -25.77
CA ASN B 182 -6.09 6.03 -25.37
C ASN B 182 -7.11 6.85 -24.57
N TYR B 183 -7.18 6.58 -23.27
CA TYR B 183 -8.13 7.27 -22.41
C TYR B 183 -7.61 7.29 -20.98
N THR B 184 -7.52 8.49 -20.41
CA THR B 184 -7.20 8.67 -19.00
C THR B 184 -8.13 9.75 -18.46
N THR B 185 -8.99 9.39 -17.51
CA THR B 185 -9.98 10.32 -16.98
C THR B 185 -9.84 10.43 -15.47
N ARG B 186 -10.48 11.46 -14.93
CA ARG B 186 -10.43 11.77 -13.51
C ARG B 186 -11.79 11.54 -12.86
N ASN B 187 -11.85 11.75 -11.55
CA ASN B 187 -13.10 11.58 -10.82
C ASN B 187 -13.91 12.87 -10.84
N ILE B 188 -13.25 14.01 -10.65
CA ILE B 188 -13.90 15.31 -10.61
C ILE B 188 -13.59 16.06 -11.91
N LEU B 189 -14.64 16.60 -12.53
CA LEU B 189 -14.54 17.39 -13.74
C LEU B 189 -14.15 18.83 -13.41
N PRO B 190 -13.57 19.56 -14.37
CA PRO B 190 -13.28 20.98 -14.12
C PRO B 190 -14.57 21.80 -13.99
N GLY B 191 -14.46 22.88 -13.24
CA GLY B 191 -15.55 23.83 -13.11
C GLY B 191 -16.80 23.33 -12.43
N VAL B 192 -16.65 22.65 -11.29
CA VAL B 192 -17.80 22.22 -10.49
C VAL B 192 -17.57 22.66 -9.05
N ASN B 193 -18.66 22.72 -8.29
CA ASN B 193 -18.58 23.11 -6.89
C ASN B 193 -17.83 22.07 -6.08
N ILE B 194 -17.10 22.56 -5.06
CA ILE B 194 -16.35 21.71 -4.16
C ILE B 194 -16.83 21.80 -2.72
N THR B 195 -17.89 22.56 -2.46
CA THR B 195 -18.46 22.68 -1.12
C THR B 195 -19.83 22.01 -1.13
N CYS B 196 -19.86 20.73 -0.75
CA CYS B 196 -21.07 19.92 -0.81
C CYS B 196 -20.90 18.75 0.15
N THR B 197 -21.87 17.84 0.12
CA THR B 197 -21.86 16.63 0.92
C THR B 197 -22.54 15.53 0.13
N PHE B 198 -21.92 14.35 0.09
CA PHE B 198 -22.43 13.27 -0.74
C PHE B 198 -23.79 12.78 -0.23
N HIS B 199 -24.71 12.57 -1.17
CA HIS B 199 -25.98 11.94 -0.88
C HIS B 199 -26.37 11.10 -2.08
N LYS B 200 -27.08 9.99 -1.82
CA LYS B 200 -27.42 9.06 -2.88
C LYS B 200 -28.34 9.69 -3.91
N THR B 201 -29.23 10.57 -3.47
CA THR B 201 -30.20 11.20 -4.36
C THR B 201 -29.92 12.66 -4.64
N GLN B 202 -29.37 13.40 -3.66
CA GLN B 202 -29.14 14.82 -3.84
C GLN B 202 -28.01 15.09 -4.83
N ASN B 203 -26.89 14.38 -4.68
CA ASN B 203 -25.73 14.60 -5.54
C ASN B 203 -24.81 13.39 -5.56
N PRO B 204 -25.05 12.42 -6.44
CA PRO B 204 -24.17 11.24 -6.51
C PRO B 204 -22.74 11.57 -6.87
N GLN B 205 -22.51 12.68 -7.58
CA GLN B 205 -21.18 13.04 -8.04
C GLN B 205 -20.34 13.73 -6.97
N CYS B 206 -20.89 14.00 -5.80
CA CYS B 206 -20.12 14.67 -4.75
C CYS B 206 -19.10 13.72 -4.16
N PRO B 207 -17.79 14.04 -4.21
CA PRO B 207 -16.80 13.13 -3.65
C PRO B 207 -16.60 13.26 -2.16
N ILE B 208 -17.06 14.34 -1.54
CA ILE B 208 -16.86 14.55 -0.11
C ILE B 208 -17.78 13.59 0.65
N PHE B 209 -17.19 12.64 1.37
CA PHE B 209 -17.94 11.62 2.10
C PHE B 209 -17.87 11.90 3.59
N ARG B 210 -19.01 12.28 4.17
CA ARG B 210 -19.12 12.41 5.62
C ARG B 210 -19.07 11.02 6.24
N LEU B 211 -18.30 10.87 7.31
CA LEU B 211 -18.16 9.57 7.95
C LEU B 211 -19.49 9.09 8.51
N GLY B 212 -20.28 10.01 9.09
CA GLY B 212 -21.60 9.64 9.54
C GLY B 212 -22.48 9.12 8.41
N ASP B 213 -22.38 9.76 7.24
CA ASP B 213 -23.21 9.36 6.10
C ASP B 213 -22.84 7.96 5.62
N ILE B 214 -21.54 7.68 5.50
CA ILE B 214 -21.13 6.36 5.02
C ILE B 214 -21.41 5.29 6.08
N PHE B 215 -21.35 5.66 7.35
CA PHE B 215 -21.66 4.70 8.41
C PHE B 215 -23.15 4.44 8.53
N GLN B 216 -24.00 5.40 8.13
CA GLN B 216 -25.44 5.18 8.20
C GLN B 216 -25.98 4.56 6.92
N GLU B 217 -25.27 4.71 5.80
CA GLU B 217 -25.71 4.07 4.56
C GLU B 217 -25.66 2.56 4.69
N THR B 218 -24.61 2.04 5.32
CA THR B 218 -24.50 0.60 5.54
C THR B 218 -25.51 0.10 6.57
N GLY B 219 -25.87 0.94 7.54
CA GLY B 219 -26.82 0.56 8.57
C GLY B 219 -26.22 0.19 9.91
N ASP B 220 -24.93 0.43 10.11
CA ASP B 220 -24.25 0.10 11.36
C ASP B 220 -24.00 1.39 12.15
N SER B 221 -24.46 1.41 13.40
CA SER B 221 -24.26 2.57 14.25
C SER B 221 -22.77 2.82 14.47
N PHE B 222 -22.37 4.09 14.38
CA PHE B 222 -20.97 4.45 14.54
C PHE B 222 -20.50 4.24 15.98
N SER B 223 -21.38 4.43 16.97
CA SER B 223 -20.96 4.34 18.36
C SER B 223 -20.78 2.90 18.83
N ASP B 224 -20.84 1.93 17.93
CA ASP B 224 -20.64 0.52 18.28
C ASP B 224 -19.37 -0.05 17.67
N VAL B 225 -19.18 0.08 16.36
CA VAL B 225 -17.96 -0.40 15.72
C VAL B 225 -16.74 0.44 16.07
N ALA B 226 -16.94 1.65 16.59
CA ALA B 226 -15.84 2.51 16.98
C ALA B 226 -15.10 2.01 18.22
N ILE B 227 -15.71 1.10 18.98
CA ILE B 227 -15.08 0.61 20.20
C ILE B 227 -13.82 -0.18 19.87
N GLN B 228 -13.92 -1.08 18.88
CA GLN B 228 -12.80 -1.94 18.49
C GLN B 228 -12.35 -1.70 17.07
N GLY B 229 -12.96 -0.77 16.34
CA GLY B 229 -12.58 -0.50 14.98
C GLY B 229 -13.27 -1.43 13.99
N GLY B 230 -12.87 -1.28 12.74
CA GLY B 230 -13.45 -2.08 11.68
C GLY B 230 -12.86 -1.70 10.34
N ILE B 231 -13.27 -2.43 9.31
CA ILE B 231 -12.80 -2.23 7.95
C ILE B 231 -13.99 -1.92 7.06
N MET B 232 -13.94 -0.81 6.35
CA MET B 232 -14.96 -0.40 5.40
C MET B 232 -14.39 -0.25 4.00
N GLY B 233 -15.17 -0.68 3.01
CA GLY B 233 -14.76 -0.57 1.63
C GLY B 233 -15.64 0.36 0.82
N ILE B 234 -15.02 1.38 0.23
CA ILE B 234 -15.70 2.30 -0.67
C ILE B 234 -15.39 1.89 -2.10
N GLU B 235 -16.42 1.58 -2.87
CA GLU B 235 -16.28 1.13 -4.25
C GLU B 235 -16.76 2.21 -5.19
N ILE B 236 -15.89 2.58 -6.14
CA ILE B 236 -16.19 3.57 -7.17
C ILE B 236 -16.29 2.81 -8.48
N TYR B 237 -17.49 2.42 -8.86
CA TYR B 237 -17.70 1.62 -10.07
C TYR B 237 -17.78 2.54 -11.28
N TRP B 238 -17.02 2.21 -12.31
CA TRP B 238 -16.99 2.97 -13.56
C TRP B 238 -17.52 2.10 -14.69
N ASP B 239 -18.39 2.68 -15.51
CA ASP B 239 -18.92 2.02 -16.71
C ASP B 239 -18.95 3.07 -17.81
N CYS B 240 -17.87 3.13 -18.59
CA CYS B 240 -17.67 4.18 -19.59
C CYS B 240 -17.72 3.57 -20.99
N ASN B 241 -18.51 4.20 -21.85
CA ASN B 241 -18.59 3.82 -23.26
C ASN B 241 -17.74 4.83 -24.05
N LEU B 242 -16.59 4.36 -24.54
CA LEU B 242 -15.64 5.26 -25.19
C LEU B 242 -15.95 5.52 -26.65
N ASP B 243 -16.99 4.88 -27.20
CA ASP B 243 -17.39 5.16 -28.57
C ASP B 243 -17.90 6.60 -28.68
N GLY B 244 -17.78 7.16 -29.89
CA GLY B 244 -18.19 8.53 -30.10
C GLY B 244 -19.65 8.77 -29.81
N TRP B 245 -20.50 7.83 -30.21
CA TRP B 245 -21.93 7.94 -29.95
C TRP B 245 -22.27 7.40 -28.56
N PHE B 246 -23.23 8.05 -27.91
CA PHE B 246 -23.64 7.70 -26.54
C PHE B 246 -22.43 7.64 -25.60
N HIS B 247 -21.54 8.62 -25.72
CA HIS B 247 -20.32 8.65 -24.94
C HIS B 247 -20.59 9.24 -23.55
N HIS B 248 -20.20 8.50 -22.52
CA HIS B 248 -20.33 8.96 -21.14
C HIS B 248 -19.44 8.10 -20.26
N CYS B 249 -18.79 8.73 -19.28
CA CYS B 249 -17.91 8.04 -18.34
C CYS B 249 -18.08 8.70 -16.97
N ARG B 250 -18.96 8.15 -16.15
CA ARG B 250 -19.23 8.68 -14.83
C ARG B 250 -19.17 7.57 -13.80
N PRO B 251 -18.76 7.88 -12.58
CA PRO B 251 -18.64 6.86 -11.54
C PRO B 251 -19.90 6.75 -10.67
N LYS B 252 -19.96 5.66 -9.92
CA LYS B 252 -21.03 5.42 -8.96
C LYS B 252 -20.41 4.93 -7.66
N TYR B 253 -20.81 5.53 -6.54
CA TYR B 253 -20.20 5.26 -5.25
C TYR B 253 -21.07 4.32 -4.43
N SER B 254 -20.43 3.32 -3.80
CA SER B 254 -21.12 2.42 -2.90
C SER B 254 -20.20 2.12 -1.72
N PHE B 255 -20.80 1.71 -0.61
CA PHE B 255 -20.05 1.43 0.62
C PHE B 255 -20.50 0.11 1.21
N ARG B 256 -19.53 -0.68 1.68
CA ARG B 256 -19.86 -1.92 2.37
C ARG B 256 -18.93 -2.11 3.56
N ARG B 257 -19.33 -3.00 4.46
CA ARG B 257 -18.52 -3.39 5.61
C ARG B 257 -17.68 -4.59 5.23
N LEU B 258 -16.36 -4.42 5.24
CA LEU B 258 -15.43 -5.47 4.85
C LEU B 258 -15.01 -6.35 6.03
N ASP B 259 -15.56 -6.13 7.21
CA ASP B 259 -15.22 -6.91 8.39
C ASP B 259 -16.28 -7.97 8.63
N ASP B 260 -15.86 -9.09 9.23
CA ASP B 260 -16.79 -10.18 9.51
C ASP B 260 -17.87 -9.75 10.49
N LYS B 261 -17.51 -8.94 11.49
CA LYS B 261 -18.44 -8.44 12.50
C LYS B 261 -19.11 -9.60 13.24
N THR B 262 -18.33 -10.64 13.53
CA THR B 262 -18.84 -11.79 14.27
C THR B 262 -18.55 -11.72 15.77
N THR B 263 -17.61 -10.87 16.18
CA THR B 263 -17.25 -10.71 17.60
C THR B 263 -16.89 -12.04 18.24
N SER B 264 -16.05 -12.80 17.56
CA SER B 264 -15.62 -14.11 18.07
C SER B 264 -14.49 -13.91 19.07
N GLU B 265 -14.65 -14.52 20.26
CA GLU B 265 -13.62 -14.41 21.28
C GLU B 265 -12.32 -15.09 20.85
N SER B 266 -12.43 -16.23 20.18
CA SER B 266 -11.23 -16.92 19.69
C SER B 266 -10.52 -16.11 18.62
N LEU B 267 -11.28 -15.47 17.74
CA LEU B 267 -10.72 -14.64 16.68
C LEU B 267 -10.40 -13.26 17.25
N TYR B 268 -10.00 -12.33 16.39
CA TYR B 268 -9.64 -10.97 16.80
C TYR B 268 -10.62 -9.98 16.18
N PRO B 269 -11.63 -9.54 16.91
CA PRO B 269 -12.60 -8.60 16.35
C PRO B 269 -12.01 -7.21 16.18
N GLY B 270 -12.54 -6.48 15.20
CA GLY B 270 -12.13 -5.11 15.00
C GLY B 270 -10.83 -5.00 14.20
N TYR B 271 -10.13 -3.89 14.44
CA TYR B 271 -8.87 -3.61 13.75
C TYR B 271 -8.00 -2.80 14.71
N ASN B 272 -7.00 -3.45 15.29
CA ASN B 272 -6.16 -2.82 16.30
C ASN B 272 -4.68 -3.10 16.00
N PHE B 273 -3.83 -2.20 16.48
CA PHE B 273 -2.39 -2.39 16.37
C PHE B 273 -1.69 -1.57 17.45
N ARG B 274 -0.44 -1.92 17.70
CA ARG B 274 0.35 -1.26 18.74
C ARG B 274 1.36 -0.32 18.10
N TYR B 275 1.35 0.93 18.54
CA TYR B 275 2.31 1.94 18.14
C TYR B 275 3.30 2.16 19.28
N ALA B 276 4.58 2.29 18.94
CA ALA B 276 5.62 2.49 19.93
C ALA B 276 6.41 3.75 19.57
N LYS B 277 6.58 4.64 20.55
CA LYS B 277 7.38 5.84 20.37
C LYS B 277 8.56 5.79 21.33
N TYR B 278 9.77 5.86 20.79
CA TYR B 278 10.99 5.77 21.58
C TYR B 278 11.53 7.15 21.91
N TYR B 279 12.27 7.23 23.02
CA TYR B 279 12.94 8.45 23.43
C TYR B 279 14.04 8.09 24.42
N LYS B 280 14.83 9.08 24.80
CA LYS B 280 15.92 8.91 25.75
C LYS B 280 15.77 9.92 26.88
N GLU B 281 15.72 9.43 28.12
CA GLU B 281 15.64 10.27 29.29
C GLU B 281 16.67 9.80 30.31
N ASN B 282 17.45 10.75 30.83
CA ASN B 282 18.51 10.45 31.80
C ASN B 282 19.47 9.40 31.28
N ASN B 283 19.81 9.50 30.00
CA ASN B 283 20.70 8.56 29.32
C ASN B 283 20.18 7.13 29.36
N VAL B 284 18.85 6.98 29.45
CA VAL B 284 18.20 5.68 29.44
C VAL B 284 17.17 5.68 28.33
N GLU B 285 17.18 4.62 27.50
CA GLU B 285 16.26 4.52 26.38
C GLU B 285 14.92 3.97 26.88
N LYS B 286 13.88 4.77 26.77
CA LYS B 286 12.54 4.38 27.17
C LYS B 286 11.60 4.52 25.97
N ARG B 287 10.37 4.04 26.14
CA ARG B 287 9.39 4.11 25.07
C ARG B 287 7.99 4.10 25.63
N THR B 288 7.04 4.49 24.79
CA THR B 288 5.64 4.60 25.14
C THR B 288 4.81 3.79 24.15
N LEU B 289 3.89 2.98 24.67
CA LEU B 289 3.03 2.13 23.86
C LEU B 289 1.64 2.74 23.77
N ILE B 290 1.04 2.63 22.59
CA ILE B 290 -0.34 3.06 22.35
C ILE B 290 -1.03 1.92 21.61
N LYS B 291 -1.95 1.23 22.28
CA LYS B 291 -2.80 0.26 21.61
C LYS B 291 -3.95 1.02 20.94
N VAL B 292 -4.05 0.90 19.62
CA VAL B 292 -4.88 1.77 18.80
C VAL B 292 -5.96 0.93 18.14
N PHE B 293 -7.21 1.34 18.31
CA PHE B 293 -8.36 0.79 17.59
C PHE B 293 -8.90 1.88 16.67
N GLY B 294 -9.15 1.53 15.42
CA GLY B 294 -9.66 2.51 14.48
C GLY B 294 -10.23 1.93 13.20
N ILE B 295 -11.03 2.71 12.49
CA ILE B 295 -11.65 2.26 11.25
C ILE B 295 -10.69 2.54 10.09
N ARG B 296 -10.32 1.49 9.37
CA ARG B 296 -9.46 1.61 8.20
C ARG B 296 -10.32 1.59 6.95
N PHE B 297 -10.28 2.67 6.18
CA PHE B 297 -11.07 2.78 4.96
C PHE B 297 -10.24 2.38 3.76
N ASP B 298 -10.83 1.53 2.91
CA ASP B 298 -10.22 1.04 1.69
C ASP B 298 -10.96 1.61 0.49
N ILE B 299 -10.21 2.07 -0.51
CA ILE B 299 -10.79 2.62 -1.73
C ILE B 299 -10.66 1.54 -2.80
N LEU B 300 -11.73 0.75 -2.97
CA LEU B 300 -11.76 -0.31 -3.98
C LEU B 300 -12.30 0.31 -5.27
N VAL B 301 -11.46 0.35 -6.30
CA VAL B 301 -11.80 0.95 -7.58
C VAL B 301 -11.70 -0.11 -8.66
N PHE B 302 -12.76 -0.22 -9.48
CA PHE B 302 -12.77 -1.17 -10.57
C PHE B 302 -13.71 -0.67 -11.66
N GLY B 303 -13.53 -1.21 -12.85
CA GLY B 303 -14.34 -0.81 -13.98
C GLY B 303 -13.76 -1.35 -15.27
N THR B 304 -14.60 -1.37 -16.30
CA THR B 304 -14.22 -1.86 -17.61
C THR B 304 -14.54 -0.80 -18.66
N GLY B 305 -13.57 -0.51 -19.53
CA GLY B 305 -13.75 0.45 -20.60
C GLY B 305 -14.09 -0.26 -21.90
N GLY B 306 -15.12 0.24 -22.57
CA GLY B 306 -15.63 -0.39 -23.79
C GLY B 306 -15.37 0.49 -25.00
N LYS B 307 -14.94 -0.14 -26.09
CA LYS B 307 -14.70 0.56 -27.34
C LYS B 307 -15.13 -0.31 -28.51
N PHE B 308 -15.72 0.31 -29.53
CA PHE B 308 -16.17 -0.43 -30.70
C PHE B 308 -14.99 -1.03 -31.45
N ASN B 309 -15.11 -2.31 -31.79
CA ASN B 309 -14.06 -3.02 -32.53
C ASN B 309 -14.70 -3.89 -33.59
N VAL B 310 -13.97 -4.11 -34.69
CA VAL B 310 -14.54 -4.83 -35.82
C VAL B 310 -14.37 -6.35 -35.70
N ILE B 311 -13.28 -6.81 -35.09
CA ILE B 311 -13.01 -8.24 -35.04
C ILE B 311 -14.03 -8.97 -34.18
N GLN B 312 -14.31 -8.44 -32.99
CA GLN B 312 -15.31 -9.05 -32.12
C GLN B 312 -16.70 -8.98 -32.75
N LEU B 313 -17.00 -7.87 -33.42
CA LEU B 313 -18.28 -7.76 -34.12
C LEU B 313 -18.41 -8.83 -35.20
N ALA B 314 -17.34 -9.06 -35.96
CA ALA B 314 -17.37 -10.08 -36.99
C ALA B 314 -17.53 -11.48 -36.39
N VAL B 315 -16.83 -11.75 -35.29
CA VAL B 315 -16.92 -13.06 -34.65
C VAL B 315 -18.33 -13.31 -34.16
N TYR B 316 -18.94 -12.33 -33.49
CA TYR B 316 -20.30 -12.50 -33.00
C TYR B 316 -21.29 -12.60 -34.16
N ILE B 317 -21.04 -11.86 -35.24
CA ILE B 317 -21.90 -11.94 -36.42
C ILE B 317 -21.87 -13.35 -37.00
N GLY B 318 -20.67 -13.94 -37.09
CA GLY B 318 -20.58 -15.32 -37.55
C GLY B 318 -21.28 -16.30 -36.63
N SER B 319 -21.16 -16.08 -35.31
CA SER B 319 -21.82 -16.96 -34.36
C SER B 319 -23.34 -16.91 -34.52
N VAL B 320 -23.91 -15.71 -34.61
CA VAL B 320 -25.36 -15.60 -34.77
C VAL B 320 -25.79 -16.07 -36.15
N ILE B 321 -24.92 -15.96 -37.16
CA ILE B 321 -25.22 -16.52 -38.47
C ILE B 321 -25.38 -18.03 -38.36
N SER B 322 -24.43 -18.67 -37.68
CA SER B 322 -24.54 -20.11 -37.47
C SER B 322 -25.80 -20.46 -36.70
N TYR B 323 -26.12 -19.68 -35.65
CA TYR B 323 -27.26 -20.00 -34.81
C TYR B 323 -28.57 -19.90 -35.59
N PHE B 324 -28.75 -18.81 -36.34
CA PHE B 324 -30.03 -18.66 -37.03
C PHE B 324 -30.10 -19.56 -38.26
N GLY B 325 -28.96 -19.91 -38.85
CA GLY B 325 -28.97 -20.92 -39.91
C GLY B 325 -29.38 -22.28 -39.39
N LEU B 326 -28.89 -22.66 -38.20
CA LEU B 326 -29.33 -23.89 -37.58
C LEU B 326 -30.81 -23.84 -37.24
N ALA B 327 -31.29 -22.69 -36.77
CA ALA B 327 -32.71 -22.55 -36.48
C ALA B 327 -33.55 -22.69 -37.74
N THR B 328 -33.10 -22.10 -38.84
CA THR B 328 -33.82 -22.21 -40.10
C THR B 328 -33.76 -23.63 -40.67
N VAL B 329 -32.69 -24.36 -40.37
CA VAL B 329 -32.58 -25.73 -40.84
C VAL B 329 -33.70 -26.60 -40.26
N PHE B 330 -33.98 -26.44 -38.98
CA PHE B 330 -35.03 -27.19 -38.32
C PHE B 330 -35.82 -26.31 -37.36
N TRP C 11 -19.42 -42.21 -39.86
CA TRP C 11 -20.39 -41.86 -38.84
C TRP C 11 -19.73 -41.76 -37.47
N ILE C 12 -18.52 -42.31 -37.36
CA ILE C 12 -17.79 -42.25 -36.10
C ILE C 12 -17.40 -40.82 -35.78
N PHE C 13 -17.05 -40.03 -36.80
CA PHE C 13 -16.69 -38.64 -36.57
C PHE C 13 -17.88 -37.83 -36.06
N HIS C 14 -19.10 -38.21 -36.45
CA HIS C 14 -20.28 -37.49 -35.97
C HIS C 14 -20.39 -37.56 -34.45
N ALA C 15 -20.16 -38.74 -33.87
CA ALA C 15 -20.13 -38.86 -32.43
C ALA C 15 -18.85 -38.31 -31.83
N LEU C 16 -17.74 -38.36 -32.57
CA LEU C 16 -16.47 -37.86 -32.05
C LEU C 16 -16.52 -36.35 -31.81
N VAL C 17 -17.07 -35.60 -32.75
CA VAL C 17 -17.16 -34.15 -32.58
C VAL C 17 -18.12 -33.80 -31.44
N PHE C 18 -19.21 -34.57 -31.30
CA PHE C 18 -20.12 -34.33 -30.18
C PHE C 18 -19.43 -34.59 -28.85
N SER C 19 -18.67 -35.68 -28.76
CA SER C 19 -17.95 -35.97 -27.52
C SER C 19 -16.91 -34.90 -27.23
N TYR C 20 -16.22 -34.40 -28.26
CA TYR C 20 -15.22 -33.36 -28.06
C TYR C 20 -15.85 -32.05 -27.59
N ILE C 21 -16.99 -31.67 -28.18
CA ILE C 21 -17.68 -30.47 -27.73
C ILE C 21 -18.15 -30.62 -26.29
N SER C 22 -18.70 -31.79 -25.94
CA SER C 22 -19.12 -32.01 -24.57
C SER C 22 -17.94 -31.94 -23.60
N PHE C 23 -16.82 -32.54 -23.98
CA PHE C 23 -15.62 -32.51 -23.14
C PHE C 23 -15.14 -31.07 -22.94
N ALA C 24 -15.10 -30.29 -24.02
CA ALA C 24 -14.68 -28.90 -23.91
C ALA C 24 -15.61 -28.11 -23.00
N LEU C 25 -16.92 -28.27 -23.19
CA LEU C 25 -17.89 -27.54 -22.37
C LEU C 25 -17.76 -27.92 -20.90
N ILE C 26 -17.55 -29.21 -20.62
CA ILE C 26 -17.41 -29.65 -19.23
C ILE C 26 -16.11 -29.12 -18.64
N SER C 27 -15.05 -29.06 -19.42
CA SER C 27 -13.73 -28.73 -18.89
C SER C 27 -13.56 -27.23 -18.70
N ASP C 28 -13.63 -26.45 -19.78
CA ASP C 28 -13.29 -25.04 -19.66
C ASP C 28 -14.41 -24.21 -19.06
N LYS C 29 -15.62 -24.76 -18.96
CA LYS C 29 -16.79 -24.03 -18.48
C LYS C 29 -17.04 -22.79 -19.35
N ARG C 30 -17.18 -23.03 -20.65
CA ARG C 30 -17.43 -21.95 -21.60
C ARG C 30 -18.85 -21.41 -21.48
N TYR C 31 -19.79 -22.20 -20.96
CA TYR C 31 -21.14 -21.73 -20.67
C TYR C 31 -21.21 -20.92 -19.38
N GLN C 32 -20.06 -20.54 -18.83
CA GLN C 32 -19.98 -19.86 -17.54
C GLN C 32 -19.36 -18.48 -17.73
N LYS C 33 -20.06 -17.46 -17.26
CA LYS C 33 -19.52 -16.11 -17.26
C LYS C 33 -18.60 -15.93 -16.05
N LYS C 34 -17.41 -15.40 -16.29
CA LYS C 34 -16.39 -15.27 -15.26
C LYS C 34 -16.23 -13.81 -14.87
N GLU C 35 -16.18 -13.56 -13.56
CA GLU C 35 -16.01 -12.23 -13.02
C GLU C 35 -14.69 -12.16 -12.24
N PRO C 36 -14.02 -10.99 -12.28
CA PRO C 36 -12.72 -10.85 -11.58
C PRO C 36 -12.87 -10.75 -10.07
N LEU C 37 -11.76 -10.47 -9.39
CA LEU C 37 -11.70 -10.49 -7.94
C LEU C 37 -11.47 -9.08 -7.39
N ILE C 38 -12.22 -8.73 -6.35
CA ILE C 38 -12.00 -7.54 -5.56
C ILE C 38 -11.85 -7.98 -4.11
N SER C 39 -10.74 -7.63 -3.47
CA SER C 39 -10.34 -8.25 -2.23
C SER C 39 -9.91 -7.22 -1.20
N SER C 40 -9.86 -7.68 0.05
CA SER C 40 -9.33 -6.89 1.17
C SER C 40 -8.66 -7.85 2.13
N VAL C 41 -7.46 -7.52 2.60
CA VAL C 41 -6.63 -8.42 3.39
C VAL C 41 -6.37 -7.80 4.75
N HIS C 42 -6.62 -8.55 5.81
CA HIS C 42 -6.27 -8.19 7.17
C HIS C 42 -5.21 -9.14 7.68
N THR C 43 -4.18 -8.61 8.34
CA THR C 43 -3.04 -9.41 8.77
C THR C 43 -2.66 -9.05 10.20
N LYS C 44 -2.49 -10.08 11.03
CA LYS C 44 -2.04 -9.88 12.41
C LYS C 44 -0.86 -10.79 12.68
N VAL C 45 0.24 -10.20 13.15
CA VAL C 45 1.47 -10.94 13.45
C VAL C 45 1.63 -11.01 14.96
N LYS C 46 1.81 -12.21 15.48
CA LYS C 46 1.96 -12.45 16.91
C LYS C 46 3.37 -12.92 17.21
N GLY C 47 3.60 -13.22 18.48
CA GLY C 47 4.89 -13.74 18.92
C GLY C 47 5.84 -12.64 19.34
N ILE C 48 6.81 -13.02 20.18
CA ILE C 48 7.86 -12.13 20.65
C ILE C 48 9.20 -12.79 20.41
N ALA C 49 10.26 -11.98 20.42
CA ALA C 49 11.60 -12.47 20.16
C ALA C 49 12.56 -12.04 21.26
N GLU C 50 13.69 -12.74 21.35
CA GLU C 50 14.70 -12.46 22.36
C GLU C 50 16.05 -12.40 21.68
N VAL C 51 16.73 -11.25 21.79
CA VAL C 51 18.03 -11.02 21.17
C VAL C 51 19.09 -11.09 22.25
N LYS C 52 20.17 -11.83 21.97
CA LYS C 52 21.30 -11.89 22.90
C LYS C 52 22.54 -12.27 22.09
N ALA C 53 23.43 -11.30 21.87
CA ALA C 53 24.62 -11.53 21.07
C ALA C 53 25.61 -10.40 21.33
N GLU C 54 26.70 -10.40 20.57
CA GLU C 54 27.73 -9.36 20.67
C GLU C 54 28.16 -8.93 19.28
N ILE C 55 28.55 -7.66 19.15
CA ILE C 55 28.98 -7.09 17.89
C ILE C 55 30.21 -6.23 18.14
N LEU C 56 30.77 -5.70 17.06
CA LEU C 56 31.96 -4.85 17.09
C LEU C 56 31.57 -3.48 16.55
N GLU C 57 31.17 -2.59 17.45
CA GLU C 57 30.79 -1.22 17.08
C GLU C 57 32.06 -0.38 16.98
N ASN C 58 32.39 0.04 15.75
CA ASN C 58 33.56 0.89 15.48
C ASN C 58 34.86 0.23 15.94
N GLY C 59 34.85 -1.10 16.06
CA GLY C 59 36.02 -1.82 16.51
C GLY C 59 36.03 -2.19 17.97
N MET C 60 34.99 -1.82 18.73
CA MET C 60 34.92 -2.10 20.15
C MET C 60 33.80 -3.10 20.40
N LYS C 61 34.08 -4.13 21.21
CA LYS C 61 33.09 -5.14 21.52
C LYS C 61 31.94 -4.54 22.31
N LYS C 62 30.72 -4.94 21.96
CA LYS C 62 29.53 -4.46 22.66
C LYS C 62 28.47 -5.56 22.63
N MET C 63 27.91 -5.84 23.80
CA MET C 63 26.90 -6.88 23.97
C MET C 63 25.52 -6.28 23.82
N VAL C 64 24.72 -6.84 22.92
CA VAL C 64 23.35 -6.41 22.69
C VAL C 64 22.42 -7.53 23.15
N SER C 65 21.58 -7.22 24.14
CA SER C 65 20.66 -8.20 24.69
C SER C 65 19.35 -7.50 25.03
N GLY C 66 18.27 -8.28 25.01
CA GLY C 66 16.97 -7.74 25.31
C GLY C 66 15.86 -8.54 24.63
N VAL C 67 14.67 -7.95 24.64
CA VAL C 67 13.47 -8.58 24.13
C VAL C 67 12.82 -7.66 23.11
N PHE C 68 12.02 -8.23 22.22
CA PHE C 68 11.30 -7.50 21.20
C PHE C 68 9.86 -7.98 21.15
N ASP C 69 8.92 -7.09 21.45
CA ASP C 69 7.49 -7.37 21.36
C ASP C 69 6.96 -6.86 20.02
N THR C 70 5.64 -7.01 19.82
CA THR C 70 5.05 -6.79 18.50
C THR C 70 4.93 -5.31 18.15
N ALA C 71 5.59 -4.45 18.92
CA ALA C 71 5.68 -3.04 18.55
C ALA C 71 7.07 -2.63 18.08
N ASP C 72 8.00 -3.57 17.94
CA ASP C 72 9.37 -3.26 17.54
C ASP C 72 9.76 -3.85 16.18
N TYR C 73 9.52 -5.14 15.96
CA TYR C 73 9.99 -5.78 14.73
C TYR C 73 9.00 -5.65 13.59
N THR C 74 8.07 -4.70 13.66
CA THR C 74 7.05 -4.59 12.63
C THR C 74 6.60 -3.14 12.51
N PHE C 75 5.86 -2.86 11.44
CA PHE C 75 5.32 -1.56 11.13
C PHE C 75 3.86 -1.74 10.74
N PRO C 76 3.03 -0.71 10.89
CA PRO C 76 1.62 -0.85 10.52
C PRO C 76 1.47 -1.20 9.05
N LEU C 77 0.51 -2.09 8.76
CA LEU C 77 0.41 -2.69 7.44
C LEU C 77 0.17 -1.65 6.35
N GLN C 78 0.89 -1.81 5.24
CA GLN C 78 0.74 -0.96 4.07
C GLN C 78 -0.02 -1.76 3.01
N GLY C 79 -1.30 -1.50 2.90
CA GLY C 79 -2.13 -2.28 1.98
C GLY C 79 -2.16 -3.73 2.40
N ASN C 80 -1.87 -4.62 1.44
CA ASN C 80 -1.84 -6.06 1.70
C ASN C 80 -0.39 -6.53 1.64
N SER C 81 0.31 -6.37 2.76
CA SER C 81 1.70 -6.76 2.92
C SER C 81 2.11 -6.49 4.36
N PHE C 82 3.22 -7.08 4.78
CA PHE C 82 3.74 -6.79 6.10
C PHE C 82 5.23 -7.13 6.17
N PHE C 83 5.96 -6.31 6.92
CA PHE C 83 7.41 -6.42 7.04
C PHE C 83 7.79 -6.87 8.45
N VAL C 84 8.89 -7.60 8.55
CA VAL C 84 9.38 -8.14 9.81
C VAL C 84 10.86 -7.79 9.95
N MET C 85 11.22 -7.21 11.09
CA MET C 85 12.62 -6.94 11.39
C MET C 85 13.38 -8.24 11.58
N THR C 86 14.54 -8.36 10.92
CA THR C 86 15.41 -9.50 11.13
C THR C 86 16.79 -9.10 11.63
N ASN C 87 17.46 -8.18 10.95
CA ASN C 87 18.79 -7.74 11.34
C ASN C 87 18.85 -6.22 11.28
N PHE C 88 19.59 -5.63 12.22
CA PHE C 88 19.70 -4.18 12.26
C PHE C 88 21.10 -3.77 12.67
N ILE C 89 21.55 -2.65 12.11
CA ILE C 89 22.82 -2.02 12.47
C ILE C 89 22.50 -0.65 13.05
N LYS C 90 22.97 -0.41 14.27
CA LYS C 90 22.58 0.75 15.06
C LYS C 90 23.70 1.78 15.12
N THR C 91 23.34 3.05 14.89
CA THR C 91 24.23 4.17 15.14
C THR C 91 23.44 5.21 15.92
N GLU C 92 24.06 5.75 16.97
CA GLU C 92 23.38 6.65 17.90
C GLU C 92 24.21 7.90 18.12
N GLY C 93 23.56 8.98 18.54
CA GLY C 93 24.25 10.23 18.82
C GLY C 93 24.81 10.90 17.59
N GLN C 94 23.99 11.07 16.55
CA GLN C 94 24.40 11.71 15.32
C GLN C 94 23.93 13.16 15.32
N GLN C 95 24.87 14.09 15.16
CA GLN C 95 24.58 15.51 15.05
C GLN C 95 25.11 16.02 13.72
N GLN C 96 24.44 17.03 13.16
CA GLN C 96 24.79 17.49 11.82
C GLN C 96 26.01 18.40 11.88
N GLY C 97 26.96 18.16 10.98
CA GLY C 97 28.17 18.95 10.96
C GLY C 97 29.20 18.35 10.03
N LEU C 98 30.40 18.92 10.11
CA LEU C 98 31.53 18.51 9.26
C LEU C 98 32.40 17.53 10.03
N CYS C 99 32.71 16.40 9.40
CA CYS C 99 33.47 15.32 10.02
C CYS C 99 33.93 14.33 8.95
N PRO C 100 35.09 13.69 9.13
CA PRO C 100 35.57 12.75 8.10
C PRO C 100 34.68 11.52 8.00
N ASP C 101 34.63 10.95 6.80
CA ASP C 101 33.78 9.80 6.52
C ASP C 101 34.50 8.50 6.82
N PHE C 102 33.80 7.40 6.60
CA PHE C 102 34.41 6.08 6.75
C PHE C 102 35.42 5.86 5.62
N PRO C 103 36.67 5.50 5.93
CA PRO C 103 37.70 5.40 4.89
C PRO C 103 37.51 4.16 4.03
N THR C 104 37.12 4.38 2.77
CA THR C 104 37.05 3.33 1.77
C THR C 104 38.06 3.62 0.67
N ALA C 105 38.02 2.81 -0.39
CA ALA C 105 38.94 3.01 -1.51
C ALA C 105 38.69 4.33 -2.22
N ARG C 106 37.42 4.69 -2.41
CA ARG C 106 37.07 5.88 -3.17
C ARG C 106 37.17 7.17 -2.35
N THR C 107 37.21 7.09 -1.03
CA THR C 107 37.29 8.28 -0.18
C THR C 107 38.67 8.49 0.41
N ILE C 108 39.63 7.61 0.14
CA ILE C 108 40.98 7.80 0.66
C ILE C 108 41.66 8.94 -0.08
N CYS C 109 42.60 9.60 0.60
CA CYS C 109 43.33 10.70 0.01
C CYS C 109 44.68 10.86 0.70
N SER C 110 45.60 11.53 0.01
CA SER C 110 46.87 11.95 0.57
C SER C 110 47.05 13.46 0.57
N SER C 111 46.20 14.19 -0.15
CA SER C 111 46.27 15.64 -0.19
C SER C 111 44.88 16.17 -0.54
N ASP C 112 44.71 17.48 -0.37
CA ASP C 112 43.42 18.10 -0.67
C ASP C 112 43.11 18.10 -2.16
N ARG C 113 44.11 17.86 -3.01
CA ARG C 113 43.90 17.88 -4.45
C ARG C 113 42.97 16.79 -4.94
N GLY C 114 43.05 15.58 -4.38
CA GLY C 114 42.27 14.46 -4.84
C GLY C 114 40.77 14.67 -4.82
N CYS C 115 40.19 14.81 -3.62
CA CYS C 115 38.77 15.07 -3.46
C CYS C 115 38.55 16.57 -3.36
N LYS C 116 37.62 17.09 -4.17
CA LYS C 116 37.36 18.51 -4.27
C LYS C 116 35.96 18.84 -3.76
N LYS C 117 35.81 20.04 -3.22
CA LYS C 117 34.52 20.47 -2.68
C LYS C 117 33.47 20.59 -3.78
N GLY C 118 32.22 20.31 -3.42
CA GLY C 118 31.11 20.37 -4.34
C GLY C 118 30.73 19.06 -4.98
N ARG C 119 31.63 18.07 -5.00
CA ARG C 119 31.31 16.77 -5.56
C ARG C 119 30.43 15.98 -4.61
N MET C 120 29.80 14.93 -5.15
CA MET C 120 28.92 14.05 -4.37
C MET C 120 29.11 12.62 -4.89
N ASP C 121 29.97 11.85 -4.21
CA ASP C 121 30.18 10.47 -4.59
C ASP C 121 28.92 9.65 -4.36
N PRO C 122 28.67 8.63 -5.18
CA PRO C 122 27.47 7.80 -5.01
C PRO C 122 27.56 6.76 -3.90
N GLN C 123 28.70 6.67 -3.21
CA GLN C 123 28.87 5.77 -2.07
C GLN C 123 29.27 6.57 -0.84
N SER C 124 28.70 7.76 -0.70
CA SER C 124 28.98 8.64 0.43
C SER C 124 27.81 9.58 0.62
N LYS C 125 27.58 10.00 1.87
CA LYS C 125 26.47 10.88 2.21
C LYS C 125 27.02 12.27 2.53
N GLY C 126 26.47 13.28 1.86
CA GLY C 126 26.87 14.65 2.06
C GLY C 126 27.80 15.14 0.97
N ILE C 127 28.34 16.34 1.21
CA ILE C 127 29.27 17.00 0.31
C ILE C 127 30.57 17.25 1.05
N GLN C 128 31.67 16.76 0.50
CA GLN C 128 32.97 16.98 1.10
C GLN C 128 33.46 18.40 0.83
N THR C 129 34.33 18.89 1.72
CA THR C 129 34.85 20.24 1.62
C THR C 129 36.29 20.29 1.10
N GLY C 130 36.95 19.15 0.97
CA GLY C 130 38.32 19.11 0.47
C GLY C 130 39.36 19.41 1.52
N ARG C 131 39.23 18.78 2.70
CA ARG C 131 40.20 18.93 3.79
C ARG C 131 40.60 17.53 4.23
N CYS C 132 41.64 16.99 3.58
CA CYS C 132 42.08 15.61 3.82
C CYS C 132 42.81 15.56 5.15
N VAL C 133 42.08 15.27 6.22
CA VAL C 133 42.63 15.22 7.58
C VAL C 133 42.62 13.77 8.04
N VAL C 134 43.33 13.52 9.14
CA VAL C 134 43.47 12.16 9.67
C VAL C 134 42.18 11.76 10.37
N TYR C 135 41.64 10.61 9.96
CA TYR C 135 40.42 10.06 10.56
C TYR C 135 40.72 9.28 11.83
N LYS C 136 41.51 8.21 11.73
CA LYS C 136 41.86 7.39 12.87
C LYS C 136 43.07 6.54 12.52
N GLU C 137 44.09 6.58 13.37
CA GLU C 137 45.32 5.81 13.17
C GLU C 137 45.96 6.13 11.81
N ARG C 138 46.19 7.41 11.57
CA ARG C 138 46.82 7.90 10.34
C ARG C 138 46.03 7.44 9.10
N LEU C 139 44.74 7.75 9.09
CA LEU C 139 43.85 7.46 7.97
C LEU C 139 43.37 8.80 7.41
N LYS C 140 43.93 9.21 6.28
CA LYS C 140 43.66 10.52 5.71
C LYS C 140 42.42 10.46 4.82
N THR C 141 41.34 11.10 5.27
CA THR C 141 40.12 11.26 4.49
C THR C 141 39.68 12.72 4.59
N CYS C 142 38.97 13.20 3.57
CA CYS C 142 38.51 14.58 3.57
C CYS C 142 37.13 14.68 4.19
N GLU C 143 36.95 15.67 5.05
CA GLU C 143 35.73 15.80 5.84
C GLU C 143 34.52 16.04 4.95
N VAL C 144 33.39 15.48 5.37
CA VAL C 144 32.11 15.64 4.67
C VAL C 144 31.13 16.28 5.63
N SER C 145 30.11 16.91 5.07
CA SER C 145 29.03 17.52 5.83
C SER C 145 27.89 16.50 5.91
N ALA C 146 27.66 15.96 7.10
CA ALA C 146 26.67 14.91 7.29
C ALA C 146 26.40 14.76 8.79
N TRP C 147 25.71 13.67 9.14
CA TRP C 147 25.36 13.40 10.54
C TRP C 147 26.48 12.58 11.17
N CYS C 148 27.35 13.25 11.91
CA CYS C 148 28.48 12.66 12.63
C CYS C 148 28.01 11.90 13.86
N PRO C 149 28.56 10.71 14.12
CA PRO C 149 29.55 9.99 13.29
C PRO C 149 28.88 9.29 12.10
N ILE C 150 29.55 9.25 10.95
CA ILE C 150 28.98 8.60 9.79
C ILE C 150 28.94 7.09 10.03
N GLU C 151 27.80 6.48 9.71
CA GLU C 151 27.61 5.05 9.95
C GLU C 151 28.55 4.22 9.10
N GLU C 152 29.54 3.60 9.74
CA GLU C 152 30.50 2.77 9.03
C GLU C 152 29.80 1.59 8.37
N VAL C 153 30.12 1.35 7.10
CA VAL C 153 29.50 0.27 6.35
C VAL C 153 30.11 -1.05 6.80
N LYS C 154 29.29 -1.93 7.35
CA LYS C 154 29.73 -3.24 7.82
C LYS C 154 28.72 -4.29 7.39
N ASP C 155 29.21 -5.53 7.24
CA ASP C 155 28.34 -6.63 6.87
C ASP C 155 27.47 -7.03 8.05
N ALA C 156 26.36 -7.70 7.74
CA ALA C 156 25.47 -8.20 8.77
C ALA C 156 26.15 -9.31 9.56
N PRO C 157 25.90 -9.39 10.87
CA PRO C 157 26.52 -10.45 11.68
C PRO C 157 26.11 -11.83 11.17
N ARG C 158 27.05 -12.77 11.26
CA ARG C 158 26.78 -14.13 10.82
C ARG C 158 25.62 -14.78 11.58
N PRO C 159 25.50 -14.67 12.91
CA PRO C 159 24.26 -15.14 13.56
C PRO C 159 23.17 -14.09 13.47
N ALA C 160 21.98 -14.49 13.03
CA ALA C 160 20.88 -13.54 12.87
C ALA C 160 20.42 -13.04 14.23
N LEU C 161 20.25 -11.72 14.34
CA LEU C 161 19.78 -11.14 15.60
C LEU C 161 18.37 -11.58 15.92
N LEU C 162 17.46 -11.47 14.96
CA LEU C 162 16.10 -11.97 15.10
C LEU C 162 15.97 -13.40 14.59
N ASN C 163 16.85 -14.29 15.07
CA ASN C 163 16.86 -15.66 14.58
C ASN C 163 15.63 -16.44 15.00
N SER C 164 14.93 -16.00 16.03
CA SER C 164 13.72 -16.67 16.48
C SER C 164 12.49 -16.32 15.64
N ALA C 165 12.67 -15.50 14.60
CA ALA C 165 11.53 -15.07 13.79
C ALA C 165 10.82 -16.22 13.09
N GLU C 166 11.51 -17.35 12.90
CA GLU C 166 10.86 -18.52 12.31
C GLU C 166 9.80 -19.12 13.22
N ASN C 167 9.78 -18.75 14.50
CA ASN C 167 8.79 -19.25 15.44
C ASN C 167 7.58 -18.34 15.56
N PHE C 168 7.51 -17.27 14.78
CA PHE C 168 6.39 -16.35 14.84
C PHE C 168 5.17 -16.94 14.14
N THR C 169 4.01 -16.34 14.41
CA THR C 169 2.75 -16.76 13.83
C THR C 169 2.07 -15.57 13.18
N VAL C 170 1.32 -15.84 12.12
CA VAL C 170 0.58 -14.81 11.39
C VAL C 170 -0.83 -15.31 11.12
N LEU C 171 -1.80 -14.42 11.21
CA LEU C 171 -3.20 -14.72 10.94
C LEU C 171 -3.68 -13.81 9.83
N ILE C 172 -4.25 -14.41 8.78
CA ILE C 172 -4.65 -13.71 7.57
C ILE C 172 -6.15 -13.89 7.39
N LYS C 173 -6.87 -12.78 7.28
CA LYS C 173 -8.30 -12.76 6.99
C LYS C 173 -8.51 -12.16 5.61
N ASN C 174 -9.22 -12.87 4.75
CA ASN C 174 -9.46 -12.44 3.38
C ASN C 174 -10.94 -12.33 3.13
N ASN C 175 -11.35 -11.21 2.52
CA ASN C 175 -12.74 -10.96 2.15
C ASN C 175 -12.76 -10.56 0.68
N ILE C 176 -13.23 -11.45 -0.18
CA ILE C 176 -13.25 -11.21 -1.61
C ILE C 176 -14.67 -10.86 -2.03
N ASP C 177 -14.76 -10.07 -3.11
CA ASP C 177 -16.03 -9.66 -3.69
C ASP C 177 -16.02 -9.99 -5.18
N PHE C 178 -17.23 -10.17 -5.73
CA PHE C 178 -17.42 -10.28 -7.17
C PHE C 178 -18.38 -9.17 -7.58
N PRO C 179 -17.89 -8.16 -8.31
CA PRO C 179 -18.76 -7.02 -8.63
C PRO C 179 -19.77 -7.31 -9.72
N GLY C 180 -19.51 -8.27 -10.60
CA GLY C 180 -20.49 -8.61 -11.62
C GLY C 180 -21.74 -9.21 -11.03
N HIS C 181 -21.60 -10.06 -10.02
CA HIS C 181 -22.71 -10.72 -9.36
C HIS C 181 -22.91 -10.12 -7.96
N ASN C 182 -23.86 -10.70 -7.22
CA ASN C 182 -24.12 -10.30 -5.84
C ASN C 182 -23.48 -11.28 -4.87
N TYR C 183 -22.14 -11.35 -4.89
CA TYR C 183 -21.41 -12.28 -4.06
C TYR C 183 -20.26 -11.58 -3.35
N THR C 184 -20.21 -11.71 -2.03
CA THR C 184 -19.05 -11.35 -1.22
C THR C 184 -18.85 -12.45 -0.20
N THR C 185 -17.63 -12.97 -0.10
CA THR C 185 -17.35 -14.08 0.81
C THR C 185 -16.06 -13.81 1.57
N ARG C 186 -15.84 -14.61 2.61
CA ARG C 186 -14.71 -14.44 3.51
C ARG C 186 -13.77 -15.64 3.40
N ASN C 187 -12.64 -15.54 4.11
CA ASN C 187 -11.68 -16.63 4.13
C ASN C 187 -11.96 -17.62 5.25
N ILE C 188 -12.57 -17.17 6.34
CA ILE C 188 -12.86 -18.00 7.50
C ILE C 188 -14.36 -18.22 7.58
N LEU C 189 -14.77 -19.47 7.40
CA LEU C 189 -16.17 -19.84 7.60
C LEU C 189 -16.51 -19.75 9.08
N PRO C 190 -17.76 -19.46 9.42
CA PRO C 190 -18.12 -19.34 10.83
C PRO C 190 -18.39 -20.70 11.46
N GLY C 191 -17.64 -21.01 12.51
CA GLY C 191 -17.77 -22.28 13.19
C GLY C 191 -16.59 -23.22 13.05
N VAL C 192 -15.37 -22.68 13.00
CA VAL C 192 -14.17 -23.49 12.89
C VAL C 192 -13.22 -23.15 14.03
N ASN C 193 -12.29 -24.06 14.30
CA ASN C 193 -11.34 -23.87 15.38
C ASN C 193 -10.36 -22.76 15.04
N ILE C 194 -9.85 -22.11 16.09
CA ILE C 194 -8.88 -21.04 15.93
C ILE C 194 -7.46 -21.47 16.27
N THR C 195 -7.30 -22.47 17.12
CA THR C 195 -5.98 -22.99 17.45
C THR C 195 -5.60 -24.08 16.45
N CYS C 196 -4.68 -23.76 15.54
CA CYS C 196 -4.32 -24.64 14.44
C CYS C 196 -3.02 -24.15 13.84
N THR C 197 -2.47 -24.97 12.94
CA THR C 197 -1.25 -24.63 12.21
C THR C 197 -1.41 -25.13 10.78
N PHE C 198 -1.09 -24.27 9.81
CA PHE C 198 -1.29 -24.62 8.42
C PHE C 198 -0.41 -25.80 8.02
N HIS C 199 -0.97 -26.67 7.17
CA HIS C 199 -0.24 -27.79 6.60
C HIS C 199 -0.90 -28.17 5.29
N LYS C 200 -0.09 -28.56 4.30
CA LYS C 200 -0.63 -28.85 2.98
C LYS C 200 -1.53 -30.07 2.99
N THR C 201 -1.33 -30.97 3.95
CA THR C 201 -2.11 -32.21 4.02
C THR C 201 -3.02 -32.27 5.24
N GLN C 202 -2.56 -31.80 6.40
CA GLN C 202 -3.35 -31.92 7.62
C GLN C 202 -4.55 -30.98 7.60
N ASN C 203 -4.33 -29.73 7.20
CA ASN C 203 -5.40 -28.73 7.23
C ASN C 203 -5.14 -27.61 6.24
N PRO C 204 -5.45 -27.81 4.95
CA PRO C 204 -5.24 -26.73 3.97
C PRO C 204 -5.97 -25.44 4.31
N GLN C 205 -7.18 -25.52 4.85
CA GLN C 205 -8.01 -24.35 5.13
C GLN C 205 -7.50 -23.51 6.29
N CYS C 206 -6.51 -24.00 7.04
CA CYS C 206 -6.01 -23.28 8.21
C CYS C 206 -5.35 -21.98 7.77
N PRO C 207 -5.80 -20.82 8.26
CA PRO C 207 -5.18 -19.56 7.83
C PRO C 207 -3.92 -19.18 8.59
N ILE C 208 -3.72 -19.73 9.79
CA ILE C 208 -2.56 -19.36 10.60
C ILE C 208 -1.32 -20.02 9.99
N PHE C 209 -0.35 -19.21 9.58
CA PHE C 209 0.88 -19.69 9.01
C PHE C 209 2.02 -19.61 10.02
N ARG C 210 3.16 -20.17 9.65
CA ARG C 210 4.38 -20.12 10.44
C ARG C 210 5.56 -19.86 9.51
N LEU C 211 6.44 -18.93 9.91
CA LEU C 211 7.51 -18.50 9.02
C LEU C 211 8.45 -19.64 8.68
N GLY C 212 8.78 -20.49 9.67
CA GLY C 212 9.61 -21.64 9.39
C GLY C 212 8.99 -22.57 8.37
N ASP C 213 7.69 -22.82 8.49
CA ASP C 213 7.03 -23.74 7.56
C ASP C 213 6.96 -23.17 6.15
N ILE C 214 6.62 -21.89 6.01
CA ILE C 214 6.56 -21.31 4.67
C ILE C 214 7.94 -21.23 4.04
N PHE C 215 8.98 -20.93 4.82
CA PHE C 215 10.33 -20.95 4.25
C PHE C 215 10.79 -22.35 3.89
N GLN C 216 10.42 -23.37 4.67
CA GLN C 216 10.79 -24.73 4.34
C GLN C 216 10.05 -25.23 3.10
N GLU C 217 8.79 -24.80 2.91
CA GLU C 217 8.02 -25.23 1.75
C GLU C 217 8.70 -24.81 0.46
N THR C 218 9.14 -23.56 0.39
CA THR C 218 9.86 -23.07 -0.78
C THR C 218 11.23 -23.69 -0.94
N GLY C 219 11.76 -24.35 0.08
CA GLY C 219 13.04 -25.01 0.00
C GLY C 219 14.24 -24.16 0.39
N ASP C 220 14.03 -23.03 1.05
CA ASP C 220 15.11 -22.14 1.43
C ASP C 220 15.24 -22.14 2.94
N SER C 221 16.47 -22.04 3.44
CA SER C 221 16.70 -21.98 4.88
C SER C 221 16.48 -20.57 5.39
N PHE C 222 15.97 -20.46 6.63
CA PHE C 222 15.65 -19.15 7.18
C PHE C 222 16.90 -18.30 7.40
N SER C 223 18.00 -18.92 7.85
CA SER C 223 19.19 -18.15 8.20
C SER C 223 19.79 -17.45 6.97
N ASP C 224 20.00 -18.21 5.89
CA ASP C 224 20.60 -17.62 4.70
C ASP C 224 19.72 -16.55 4.08
N VAL C 225 18.40 -16.81 4.02
CA VAL C 225 17.46 -15.83 3.49
C VAL C 225 17.24 -14.66 4.43
N ALA C 226 17.67 -14.76 5.69
CA ALA C 226 17.44 -13.73 6.67
C ALA C 226 18.69 -12.93 7.03
N ILE C 227 19.86 -13.35 6.57
CA ILE C 227 21.07 -12.57 6.82
C ILE C 227 20.95 -11.18 6.21
N GLN C 228 20.48 -11.10 4.96
CA GLN C 228 20.25 -9.83 4.30
C GLN C 228 18.77 -9.59 3.98
N GLY C 229 17.90 -10.52 4.35
CA GLY C 229 16.48 -10.37 4.08
C GLY C 229 16.11 -10.77 2.67
N GLY C 230 14.85 -10.53 2.33
CA GLY C 230 14.36 -10.85 1.02
C GLY C 230 12.90 -10.48 0.90
N ILE C 231 12.26 -11.01 -0.15
CA ILE C 231 10.84 -10.79 -0.42
C ILE C 231 10.16 -12.14 -0.52
N MET C 232 9.08 -12.32 0.23
CA MET C 232 8.31 -13.56 0.25
C MET C 232 6.90 -13.26 -0.24
N GLY C 233 6.25 -14.27 -0.82
CA GLY C 233 4.91 -14.04 -1.31
C GLY C 233 3.97 -15.17 -1.06
N ILE C 234 2.87 -14.88 -0.36
CA ILE C 234 1.81 -15.84 -0.12
C ILE C 234 0.67 -15.53 -1.07
N GLU C 235 0.36 -16.47 -1.96
CA GLU C 235 -0.65 -16.27 -2.99
C GLU C 235 -1.84 -17.17 -2.72
N ILE C 236 -3.02 -16.61 -2.90
CA ILE C 236 -4.29 -17.23 -2.53
C ILE C 236 -5.13 -17.29 -3.80
N TYR C 237 -5.42 -18.49 -4.26
CA TYR C 237 -6.19 -18.69 -5.49
C TYR C 237 -7.64 -18.99 -5.13
N TRP C 238 -8.57 -18.24 -5.72
CA TRP C 238 -10.00 -18.38 -5.46
C TRP C 238 -10.71 -18.82 -6.73
N ASP C 239 -10.97 -20.13 -6.84
CA ASP C 239 -11.77 -20.69 -7.92
C ASP C 239 -13.14 -21.01 -7.35
N CYS C 240 -14.14 -20.19 -7.69
CA CYS C 240 -15.48 -20.30 -7.11
C CYS C 240 -16.52 -20.48 -8.19
N ASN C 241 -17.42 -21.43 -7.96
CA ASN C 241 -18.56 -21.69 -8.84
C ASN C 241 -19.82 -21.22 -8.11
N LEU C 242 -20.47 -20.20 -8.67
CA LEU C 242 -21.64 -19.59 -8.04
C LEU C 242 -22.96 -20.15 -8.56
N ASP C 243 -22.93 -21.17 -9.42
CA ASP C 243 -24.17 -21.78 -9.88
C ASP C 243 -24.86 -22.51 -8.74
N GLY C 244 -26.15 -22.76 -8.91
CA GLY C 244 -26.92 -23.41 -7.85
C GLY C 244 -26.40 -24.78 -7.49
N TRP C 245 -25.93 -25.53 -8.48
CA TRP C 245 -25.43 -26.88 -8.26
C TRP C 245 -23.91 -26.90 -8.29
N PHE C 246 -23.32 -27.80 -7.51
CA PHE C 246 -21.87 -27.92 -7.38
C PHE C 246 -21.24 -26.58 -7.04
N HIS C 247 -21.81 -25.88 -6.06
CA HIS C 247 -21.37 -24.55 -5.69
C HIS C 247 -20.34 -24.63 -4.57
N HIS C 248 -19.13 -24.11 -4.84
CA HIS C 248 -18.12 -23.98 -3.80
C HIS C 248 -17.29 -22.74 -4.06
N CYS C 249 -16.86 -22.09 -2.98
CA CYS C 249 -15.98 -20.93 -3.03
C CYS C 249 -14.93 -21.11 -1.94
N ARG C 250 -13.83 -21.78 -2.27
CA ARG C 250 -12.80 -22.07 -1.30
C ARG C 250 -11.44 -21.66 -1.83
N PRO C 251 -10.55 -21.18 -0.96
CA PRO C 251 -9.23 -20.73 -1.40
C PRO C 251 -8.17 -21.81 -1.33
N LYS C 252 -7.11 -21.59 -2.09
CA LYS C 252 -5.92 -22.44 -2.05
C LYS C 252 -4.70 -21.57 -1.78
N TYR C 253 -3.88 -21.98 -0.83
CA TYR C 253 -2.72 -21.20 -0.39
C TYR C 253 -1.44 -21.81 -0.94
N SER C 254 -0.57 -20.97 -1.49
CA SER C 254 0.78 -21.40 -1.83
C SER C 254 1.74 -20.24 -1.60
N PHE C 255 3.04 -20.54 -1.64
CA PHE C 255 4.07 -19.56 -1.30
C PHE C 255 5.21 -19.64 -2.30
N ARG C 256 5.74 -18.48 -2.69
CA ARG C 256 6.87 -18.40 -3.60
C ARG C 256 7.81 -17.27 -3.19
N ARG C 257 9.10 -17.50 -3.45
CA ARG C 257 10.13 -16.49 -3.20
C ARG C 257 10.02 -15.41 -4.27
N LEU C 258 9.76 -14.18 -3.85
CA LEU C 258 9.52 -13.08 -4.77
C LEU C 258 10.77 -12.31 -5.13
N ASP C 259 11.94 -12.73 -4.68
CA ASP C 259 13.20 -12.06 -4.96
C ASP C 259 14.08 -12.94 -5.82
N ASP C 260 14.91 -12.29 -6.66
CA ASP C 260 15.68 -13.01 -7.66
C ASP C 260 16.65 -14.01 -7.04
N LYS C 261 17.11 -13.75 -5.82
CA LYS C 261 18.07 -14.62 -5.13
C LYS C 261 19.34 -14.81 -5.96
N THR C 262 19.99 -13.69 -6.27
CA THR C 262 21.22 -13.70 -7.05
C THR C 262 22.43 -13.20 -6.28
N THR C 263 22.24 -12.26 -5.36
CA THR C 263 23.32 -11.70 -4.53
C THR C 263 24.46 -11.15 -5.40
N SER C 264 24.09 -10.48 -6.49
CA SER C 264 25.09 -9.88 -7.37
C SER C 264 25.74 -8.69 -6.68
N GLU C 265 27.05 -8.54 -6.86
CA GLU C 265 27.77 -7.43 -6.24
C GLU C 265 27.26 -6.09 -6.77
N SER C 266 27.11 -5.98 -8.10
CA SER C 266 26.58 -4.76 -8.69
C SER C 266 25.13 -4.52 -8.26
N LEU C 267 24.32 -5.57 -8.24
CA LEU C 267 22.92 -5.44 -7.88
C LEU C 267 22.79 -5.28 -6.36
N TYR C 268 21.54 -5.16 -5.90
CA TYR C 268 21.24 -4.95 -4.48
C TYR C 268 20.55 -6.19 -3.93
N PRO C 269 21.25 -7.05 -3.19
CA PRO C 269 20.62 -8.28 -2.70
C PRO C 269 19.72 -8.03 -1.51
N GLY C 270 18.72 -8.91 -1.38
CA GLY C 270 17.82 -8.85 -0.25
C GLY C 270 16.94 -7.61 -0.26
N TYR C 271 16.34 -7.35 0.91
CA TYR C 271 15.51 -6.18 1.14
C TYR C 271 16.04 -5.44 2.35
N ASN C 272 16.27 -4.13 2.20
CA ASN C 272 16.85 -3.34 3.26
C ASN C 272 16.44 -1.89 3.12
N PHE C 273 16.57 -1.16 4.22
CA PHE C 273 16.31 0.29 4.23
C PHE C 273 16.96 0.90 5.46
N ARG C 274 16.74 2.20 5.63
CA ARG C 274 17.25 2.95 6.76
C ARG C 274 16.08 3.63 7.48
N TYR C 275 16.06 3.51 8.81
CA TYR C 275 15.06 4.18 9.63
C TYR C 275 15.77 5.14 10.57
N ALA C 276 15.30 6.39 10.60
CA ALA C 276 15.91 7.44 11.41
C ALA C 276 14.91 7.92 12.45
N LYS C 277 15.35 7.97 13.71
CA LYS C 277 14.52 8.45 14.81
C LYS C 277 15.15 9.72 15.37
N TYR C 278 14.36 10.79 15.42
CA TYR C 278 14.84 12.11 15.80
C TYR C 278 14.52 12.39 17.27
N TYR C 279 15.34 13.24 17.88
CA TYR C 279 15.11 13.69 19.24
C TYR C 279 15.89 14.98 19.46
N LYS C 280 15.61 15.65 20.58
CA LYS C 280 16.31 16.86 20.96
C LYS C 280 16.90 16.67 22.35
N GLU C 281 18.19 17.00 22.50
CA GLU C 281 18.87 16.88 23.77
C GLU C 281 19.91 17.97 23.87
N ASN C 282 20.11 18.52 25.07
CA ASN C 282 21.08 19.59 25.30
C ASN C 282 20.82 20.78 24.39
N ASN C 283 19.53 21.01 24.08
CA ASN C 283 19.10 22.12 23.22
C ASN C 283 19.65 22.01 21.81
N VAL C 284 20.01 20.80 21.38
CA VAL C 284 20.44 20.54 20.00
C VAL C 284 19.77 19.28 19.51
N GLU C 285 19.37 19.26 18.24
CA GLU C 285 18.73 18.10 17.66
C GLU C 285 19.75 16.99 17.38
N LYS C 286 19.28 15.75 17.37
CA LYS C 286 20.11 14.60 17.08
C LYS C 286 19.19 13.48 16.59
N ARG C 287 19.81 12.43 16.04
CA ARG C 287 19.03 11.32 15.52
C ARG C 287 19.83 10.03 15.62
N THR C 288 19.10 8.92 15.62
CA THR C 288 19.68 7.58 15.59
C THR C 288 19.24 6.87 14.32
N LEU C 289 20.20 6.19 13.69
CA LEU C 289 19.99 5.54 12.40
C LEU C 289 20.10 4.03 12.57
N ILE C 290 19.09 3.31 12.09
CA ILE C 290 19.11 1.85 12.09
C ILE C 290 19.02 1.39 10.63
N LYS C 291 20.05 0.69 10.18
CA LYS C 291 19.97 -0.05 8.92
C LYS C 291 19.22 -1.34 9.18
N VAL C 292 18.22 -1.62 8.34
CA VAL C 292 17.26 -2.70 8.59
C VAL C 292 17.28 -3.65 7.40
N PHE C 293 17.54 -4.92 7.67
CA PHE C 293 17.34 -6.01 6.71
C PHE C 293 16.26 -6.92 7.25
N GLY C 294 15.22 -7.16 6.45
CA GLY C 294 14.15 -8.04 6.87
C GLY C 294 13.38 -8.56 5.68
N ILE C 295 12.59 -9.60 5.91
CA ILE C 295 11.78 -10.21 4.85
C ILE C 295 10.43 -9.48 4.80
N ARG C 296 10.01 -9.10 3.61
CA ARG C 296 8.73 -8.46 3.39
C ARG C 296 7.78 -9.45 2.73
N PHE C 297 6.67 -9.75 3.40
CA PHE C 297 5.69 -10.69 2.90
C PHE C 297 4.60 -9.94 2.14
N ASP C 298 4.33 -10.38 0.91
CA ASP C 298 3.31 -9.81 0.07
C ASP C 298 2.18 -10.82 -0.09
N ILE C 299 0.95 -10.37 0.14
CA ILE C 299 -0.24 -11.19 0.00
C ILE C 299 -0.79 -10.95 -1.39
N LEU C 300 -0.68 -11.96 -2.26
CA LEU C 300 -1.14 -11.88 -3.64
C LEU C 300 -2.37 -12.77 -3.76
N VAL C 301 -3.55 -12.15 -3.72
CA VAL C 301 -4.80 -12.88 -3.84
C VAL C 301 -5.37 -12.67 -5.23
N PHE C 302 -5.76 -13.77 -5.88
CA PHE C 302 -6.31 -13.69 -7.22
C PHE C 302 -7.26 -14.86 -7.44
N GLY C 303 -7.96 -14.83 -8.55
CA GLY C 303 -8.91 -15.88 -8.88
C GLY C 303 -10.05 -15.33 -9.71
N THR C 304 -11.05 -16.18 -9.88
CA THR C 304 -12.21 -15.84 -10.70
C THR C 304 -13.48 -16.38 -10.05
N GLY C 305 -14.61 -15.83 -10.47
CA GLY C 305 -15.90 -16.34 -10.01
C GLY C 305 -16.83 -16.63 -11.16
N GLY C 306 -17.28 -17.87 -11.28
CA GLY C 306 -18.13 -18.30 -12.39
C GLY C 306 -19.60 -18.25 -12.04
N LYS C 307 -20.43 -17.98 -13.04
CA LYS C 307 -21.87 -17.96 -12.88
C LYS C 307 -22.53 -18.37 -14.19
N PHE C 308 -23.80 -18.75 -14.11
CA PHE C 308 -24.54 -19.21 -15.28
C PHE C 308 -25.07 -18.02 -16.07
N ASN C 309 -24.78 -18.00 -17.37
CA ASN C 309 -25.28 -16.97 -18.27
C ASN C 309 -25.77 -17.63 -19.56
N VAL C 310 -26.66 -16.95 -20.27
CA VAL C 310 -27.30 -17.54 -21.44
C VAL C 310 -26.73 -17.02 -22.75
N ILE C 311 -26.24 -15.78 -22.79
CA ILE C 311 -25.73 -15.23 -24.05
C ILE C 311 -24.46 -15.93 -24.48
N GLN C 312 -23.53 -16.13 -23.54
CA GLN C 312 -22.30 -16.85 -23.85
C GLN C 312 -22.59 -18.30 -24.22
N LEU C 313 -23.56 -18.92 -23.53
CA LEU C 313 -23.95 -20.28 -23.88
C LEU C 313 -24.49 -20.34 -25.30
N ALA C 314 -25.34 -19.38 -25.68
CA ALA C 314 -25.88 -19.37 -27.03
C ALA C 314 -24.78 -19.16 -28.07
N VAL C 315 -23.83 -18.26 -27.78
CA VAL C 315 -22.75 -18.01 -28.73
C VAL C 315 -21.91 -19.25 -28.93
N TYR C 316 -21.56 -19.93 -27.83
CA TYR C 316 -20.77 -21.15 -27.95
C TYR C 316 -21.55 -22.26 -28.65
N ILE C 317 -22.86 -22.34 -28.38
CA ILE C 317 -23.69 -23.33 -29.06
C ILE C 317 -23.69 -23.09 -30.56
N GLY C 318 -23.84 -21.83 -30.97
CA GLY C 318 -23.78 -21.53 -32.39
C GLY C 318 -22.45 -21.87 -33.01
N SER C 319 -21.35 -21.57 -32.30
CA SER C 319 -20.02 -21.89 -32.81
C SER C 319 -19.85 -23.39 -33.00
N VAL C 320 -20.25 -24.19 -32.00
CA VAL C 320 -20.07 -25.63 -32.13
C VAL C 320 -21.03 -26.21 -33.16
N ILE C 321 -22.22 -25.62 -33.33
CA ILE C 321 -23.11 -26.06 -34.39
C ILE C 321 -22.47 -25.83 -35.76
N SER C 322 -21.86 -24.67 -35.96
CA SER C 322 -21.16 -24.42 -37.20
C SER C 322 -20.01 -25.40 -37.39
N TYR C 323 -19.26 -25.68 -36.33
CA TYR C 323 -18.14 -26.59 -36.43
C TYR C 323 -18.58 -27.99 -36.84
N PHE C 324 -19.61 -28.52 -36.17
CA PHE C 324 -20.03 -29.88 -36.48
C PHE C 324 -20.76 -29.95 -37.82
N GLY C 325 -21.42 -28.87 -38.24
CA GLY C 325 -21.99 -28.84 -39.57
C GLY C 325 -20.93 -28.85 -40.65
N LEU C 326 -19.85 -28.10 -40.44
CA LEU C 326 -18.73 -28.14 -41.37
C LEU C 326 -18.09 -29.53 -41.40
N ALA C 327 -17.97 -30.17 -40.23
CA ALA C 327 -17.43 -31.52 -40.18
C ALA C 327 -18.31 -32.50 -40.93
N THR C 328 -19.63 -32.38 -40.77
CA THR C 328 -20.56 -33.25 -41.49
C THR C 328 -20.55 -32.97 -42.99
N VAL C 329 -20.25 -31.74 -43.39
CA VAL C 329 -20.20 -31.41 -44.81
C VAL C 329 -19.10 -32.19 -45.50
N PHE C 330 -17.93 -32.28 -44.87
CA PHE C 330 -16.82 -33.04 -45.43
C PHE C 330 -16.11 -33.85 -44.34
#